data_2EOJ
#
_entry.id   2EOJ
#
loop_
_entity.id
_entity.type
_entity.pdbx_description
1 polymer 'Zinc finger protein 268'
2 non-polymer 'ZINC ION'
#
_entity_poly.entity_id   1
_entity_poly.type   'polypeptide(L)'
_entity_poly.pdbx_seq_one_letter_code
;GSSGSSGTGENPYECCECGKVFSRKDQLVSHQKTHSGQSGPSSG
;
_entity_poly.pdbx_strand_id   A
#
loop_
_chem_comp.id
_chem_comp.type
_chem_comp.name
_chem_comp.formula
ZN non-polymer 'ZINC ION' 'Zn 2'
#
# COMPACT_ATOMS: atom_id res chain seq x y z
N GLY A 1 12.32 20.51 -15.26
CA GLY A 1 11.77 20.41 -13.92
C GLY A 1 12.21 19.17 -13.19
N SER A 2 13.19 19.31 -12.30
CA SER A 2 13.71 18.19 -11.55
C SER A 2 13.37 18.32 -10.07
N SER A 3 12.20 17.81 -9.70
CA SER A 3 11.75 17.87 -8.31
C SER A 3 11.26 16.50 -7.83
N GLY A 4 12.01 15.46 -8.19
CA GLY A 4 11.63 14.11 -7.79
C GLY A 4 10.17 13.83 -8.03
N SER A 5 9.83 13.48 -9.26
CA SER A 5 8.45 13.17 -9.63
C SER A 5 8.10 11.73 -9.28
N SER A 6 8.55 11.29 -8.11
CA SER A 6 8.28 9.92 -7.67
C SER A 6 7.26 9.91 -6.52
N GLY A 7 6.05 9.46 -6.84
CA GLY A 7 5.01 9.41 -5.83
C GLY A 7 4.24 10.71 -5.71
N THR A 8 3.45 11.03 -6.73
CA THR A 8 2.68 12.27 -6.73
C THR A 8 1.63 12.25 -5.64
N GLY A 9 1.95 12.87 -4.50
CA GLY A 9 1.03 12.92 -3.39
C GLY A 9 1.48 12.06 -2.22
N GLU A 10 0.90 12.32 -1.05
CA GLU A 10 1.25 11.56 0.15
C GLU A 10 0.00 11.22 0.97
N ASN A 11 -0.09 9.97 1.39
CA ASN A 11 -1.24 9.52 2.19
C ASN A 11 -0.79 8.56 3.28
N PRO A 12 -1.54 8.54 4.39
CA PRO A 12 -1.25 7.68 5.54
C PRO A 12 -1.50 6.20 5.23
N TYR A 13 -2.20 5.95 4.12
CA TYR A 13 -2.50 4.59 3.72
C TYR A 13 -1.98 4.30 2.32
N GLU A 14 -0.71 3.90 2.23
CA GLU A 14 -0.09 3.60 0.95
C GLU A 14 0.51 2.20 0.96
N CYS A 15 -0.21 1.24 0.39
CA CYS A 15 0.26 -0.13 0.33
C CYS A 15 1.63 -0.22 -0.32
N CYS A 16 2.66 -0.41 0.50
CA CYS A 16 4.03 -0.51 -0.01
C CYS A 16 4.21 -1.77 -0.84
N GLU A 17 3.56 -2.85 -0.42
CA GLU A 17 3.65 -4.13 -1.12
C GLU A 17 3.67 -3.91 -2.63
N CYS A 18 2.59 -3.35 -3.16
CA CYS A 18 2.49 -3.08 -4.59
C CYS A 18 2.63 -1.60 -4.89
N GLY A 19 2.00 -0.77 -4.05
CA GLY A 19 2.06 0.66 -4.25
C GLY A 19 0.71 1.27 -4.55
N LYS A 20 -0.29 0.93 -3.73
CA LYS A 20 -1.64 1.45 -3.91
C LYS A 20 -2.10 2.22 -2.68
N VAL A 21 -2.57 3.45 -2.90
CA VAL A 21 -3.04 4.30 -1.81
C VAL A 21 -4.54 4.16 -1.62
N PHE A 22 -5.02 4.48 -0.43
CA PHE A 22 -6.44 4.39 -0.12
C PHE A 22 -6.91 5.64 0.62
N SER A 23 -8.21 5.69 0.93
CA SER A 23 -8.78 6.84 1.63
C SER A 23 -8.88 6.55 3.13
N ARG A 24 -9.43 5.39 3.47
CA ARG A 24 -9.59 5.00 4.87
C ARG A 24 -8.90 3.66 5.14
N LYS A 25 -8.12 3.62 6.20
CA LYS A 25 -7.41 2.40 6.57
C LYS A 25 -8.23 1.16 6.25
N ASP A 26 -9.49 1.16 6.70
CA ASP A 26 -10.39 0.03 6.46
C ASP A 26 -10.18 -0.53 5.05
N GLN A 27 -10.42 0.30 4.04
CA GLN A 27 -10.25 -0.12 2.65
C GLN A 27 -8.88 -0.74 2.43
N LEU A 28 -7.87 -0.17 3.07
CA LEU A 28 -6.50 -0.67 2.94
C LEU A 28 -6.38 -2.07 3.52
N VAL A 29 -6.86 -2.24 4.76
CA VAL A 29 -6.80 -3.53 5.43
C VAL A 29 -7.24 -4.65 4.50
N SER A 30 -8.40 -4.49 3.89
CA SER A 30 -8.94 -5.49 2.98
C SER A 30 -7.99 -5.73 1.81
N HIS A 31 -7.15 -4.74 1.52
CA HIS A 31 -6.18 -4.84 0.44
C HIS A 31 -4.92 -5.57 0.90
N GLN A 32 -4.38 -5.14 2.03
CA GLN A 32 -3.17 -5.75 2.57
C GLN A 32 -3.42 -7.20 2.95
N LYS A 33 -4.69 -7.56 3.13
CA LYS A 33 -5.06 -8.91 3.50
C LYS A 33 -4.53 -9.92 2.48
N THR A 34 -4.64 -9.56 1.20
CA THR A 34 -4.18 -10.43 0.12
C THR A 34 -2.74 -10.09 -0.28
N HIS A 35 -1.94 -9.68 0.69
CA HIS A 35 -0.55 -9.32 0.44
C HIS A 35 0.39 -10.06 1.39
N SER A 36 1.67 -10.07 1.05
CA SER A 36 2.66 -10.75 1.87
C SER A 36 2.42 -10.49 3.36
N GLY A 37 2.66 -11.51 4.18
CA GLY A 37 2.45 -11.38 5.61
C GLY A 37 2.14 -12.69 6.28
N GLN A 38 2.23 -12.71 7.60
CA GLN A 38 1.97 -13.93 8.37
C GLN A 38 0.50 -14.36 8.23
N SER A 39 0.27 -15.37 7.40
CA SER A 39 -1.08 -15.86 7.18
C SER A 39 -1.06 -17.19 6.44
N GLY A 40 -1.51 -18.25 7.10
CA GLY A 40 -1.53 -19.56 6.48
C GLY A 40 -2.27 -20.59 7.33
N PRO A 41 -2.24 -21.86 6.88
CA PRO A 41 -2.89 -22.96 7.59
C PRO A 41 -2.19 -23.31 8.90
N SER A 42 -2.66 -22.70 10.00
CA SER A 42 -2.07 -22.94 11.30
C SER A 42 -2.63 -24.22 11.92
N SER A 43 -2.09 -24.60 13.07
CA SER A 43 -2.52 -25.81 13.76
C SER A 43 -3.66 -25.50 14.74
N GLY A 44 -3.37 -24.63 15.71
CA GLY A 44 -4.36 -24.26 16.69
C GLY A 44 -4.40 -25.23 17.86
ZN ZN B . -1.00 -3.73 -2.36
N GLY A 1 18.28 21.07 -0.03
CA GLY A 1 17.45 19.88 0.00
C GLY A 1 17.08 19.39 -1.38
N SER A 2 15.80 19.08 -1.58
CA SER A 2 15.32 18.61 -2.87
C SER A 2 14.79 19.75 -3.71
N SER A 3 14.89 19.61 -5.03
CA SER A 3 14.42 20.64 -5.96
C SER A 3 13.40 20.07 -6.93
N GLY A 4 12.31 20.81 -7.14
CA GLY A 4 11.27 20.37 -8.05
C GLY A 4 9.92 20.25 -7.37
N SER A 5 9.90 19.62 -6.20
CA SER A 5 8.66 19.43 -5.46
C SER A 5 8.82 19.89 -4.01
N SER A 6 7.71 20.11 -3.33
CA SER A 6 7.73 20.56 -1.94
C SER A 6 7.12 19.51 -1.02
N GLY A 7 5.95 19.00 -1.40
CA GLY A 7 5.28 17.99 -0.60
C GLY A 7 3.77 18.12 -0.65
N THR A 8 3.19 17.88 -1.83
CA THR A 8 1.75 17.98 -2.01
C THR A 8 1.13 16.61 -2.16
N GLY A 9 0.33 16.20 -1.18
CA GLY A 9 -0.32 14.90 -1.22
C GLY A 9 0.14 13.98 -0.11
N GLU A 10 -0.76 13.70 0.83
CA GLU A 10 -0.44 12.84 1.97
C GLU A 10 -1.16 11.50 1.85
N ASN A 11 -0.39 10.44 1.62
CA ASN A 11 -0.96 9.09 1.48
C ASN A 11 -0.52 8.20 2.64
N PRO A 12 -1.20 8.34 3.79
CA PRO A 12 -0.90 7.55 4.99
C PRO A 12 -1.28 6.08 4.83
N TYR A 13 -2.02 5.78 3.76
CA TYR A 13 -2.46 4.42 3.49
C TYR A 13 -1.86 3.91 2.18
N GLU A 14 -0.56 4.08 2.02
CA GLU A 14 0.13 3.63 0.81
C GLU A 14 0.71 2.23 0.99
N CYS A 15 0.07 1.25 0.38
CA CYS A 15 0.51 -0.14 0.48
C CYS A 15 1.98 -0.26 0.07
N CYS A 16 2.83 -0.51 1.06
CA CYS A 16 4.26 -0.65 0.81
C CYS A 16 4.60 -2.06 0.36
N GLU A 17 3.76 -2.62 -0.50
CA GLU A 17 3.97 -3.96 -1.01
C GLU A 17 3.88 -3.99 -2.54
N CYS A 18 2.87 -3.31 -3.08
CA CYS A 18 2.67 -3.25 -4.52
C CYS A 18 2.69 -1.80 -5.01
N GLY A 19 1.99 -0.93 -4.30
CA GLY A 19 1.95 0.47 -4.67
C GLY A 19 0.53 0.96 -4.92
N LYS A 20 -0.34 0.75 -3.92
CA LYS A 20 -1.74 1.18 -4.04
C LYS A 20 -2.13 2.03 -2.83
N VAL A 21 -2.72 3.19 -3.11
CA VAL A 21 -3.15 4.10 -2.06
C VAL A 21 -4.64 3.91 -1.75
N PHE A 22 -5.05 4.39 -0.58
CA PHE A 22 -6.44 4.27 -0.16
C PHE A 22 -6.91 5.55 0.53
N SER A 23 -8.22 5.75 0.57
CA SER A 23 -8.80 6.93 1.20
C SER A 23 -9.00 6.71 2.70
N ARG A 24 -9.40 5.50 3.06
CA ARG A 24 -9.63 5.16 4.46
C ARG A 24 -8.85 3.90 4.85
N LYS A 25 -8.05 4.01 5.91
CA LYS A 25 -7.25 2.88 6.38
C LYS A 25 -8.01 1.57 6.20
N ASP A 26 -9.25 1.54 6.66
CA ASP A 26 -10.08 0.35 6.54
C ASP A 26 -9.88 -0.32 5.19
N GLN A 27 -10.08 0.44 4.12
CA GLN A 27 -9.92 -0.09 2.76
C GLN A 27 -8.54 -0.72 2.59
N LEU A 28 -7.54 -0.15 3.25
CA LEU A 28 -6.18 -0.66 3.17
C LEU A 28 -6.05 -2.01 3.86
N VAL A 29 -6.60 -2.09 5.07
CA VAL A 29 -6.55 -3.34 5.83
C VAL A 29 -7.10 -4.51 5.03
N SER A 30 -8.25 -4.29 4.40
CA SER A 30 -8.89 -5.33 3.59
C SER A 30 -7.99 -5.74 2.43
N HIS A 31 -7.41 -4.75 1.76
CA HIS A 31 -6.53 -5.02 0.62
C HIS A 31 -5.30 -5.81 1.06
N GLN A 32 -4.52 -5.21 1.96
CA GLN A 32 -3.31 -5.87 2.47
C GLN A 32 -3.51 -7.38 2.57
N LYS A 33 -4.67 -7.79 3.09
CA LYS A 33 -4.98 -9.21 3.23
C LYS A 33 -4.53 -10.00 2.01
N THR A 34 -4.91 -9.51 0.83
CA THR A 34 -4.55 -10.18 -0.42
C THR A 34 -3.08 -10.58 -0.42
N HIS A 35 -2.22 -9.65 0.01
CA HIS A 35 -0.79 -9.93 0.07
C HIS A 35 -0.45 -10.91 1.18
N SER A 36 0.04 -12.08 0.80
CA SER A 36 0.40 -13.11 1.76
C SER A 36 1.90 -13.10 2.04
N GLY A 37 2.32 -12.25 2.97
CA GLY A 37 3.73 -12.16 3.30
C GLY A 37 4.02 -12.60 4.73
N GLN A 38 4.02 -11.65 5.66
CA GLN A 38 4.28 -11.95 7.06
C GLN A 38 2.98 -12.15 7.82
N SER A 39 2.55 -13.41 7.92
CA SER A 39 1.31 -13.74 8.62
C SER A 39 1.35 -15.18 9.15
N GLY A 40 0.88 -15.37 10.38
CA GLY A 40 0.86 -16.69 10.97
C GLY A 40 -0.54 -17.21 11.21
N PRO A 41 -1.17 -17.74 10.15
CA PRO A 41 -2.53 -18.28 10.22
C PRO A 41 -2.59 -19.57 11.04
N SER A 42 -2.90 -19.43 12.33
CA SER A 42 -2.99 -20.59 13.22
C SER A 42 -4.44 -21.07 13.34
N SER A 43 -4.75 -22.17 12.66
CA SER A 43 -6.10 -22.72 12.68
C SER A 43 -6.05 -24.24 12.70
N GLY A 44 -7.21 -24.86 12.90
CA GLY A 44 -7.28 -26.31 12.93
C GLY A 44 -8.69 -26.82 13.18
ZN ZN B . -0.94 -3.85 -2.23
N GLY A 1 16.77 29.49 1.68
CA GLY A 1 15.49 29.89 1.14
C GLY A 1 14.33 29.37 1.98
N SER A 2 13.12 29.53 1.46
CA SER A 2 11.92 29.06 2.16
C SER A 2 10.92 28.48 1.17
N SER A 3 10.63 27.18 1.32
CA SER A 3 9.69 26.50 0.45
C SER A 3 9.10 25.28 1.14
N GLY A 4 7.85 24.97 0.82
CA GLY A 4 7.18 23.83 1.42
C GLY A 4 7.20 22.61 0.53
N SER A 5 6.08 22.34 -0.13
CA SER A 5 5.98 21.18 -1.02
C SER A 5 4.84 21.37 -2.02
N SER A 6 4.76 20.47 -2.99
CA SER A 6 3.73 20.53 -4.02
C SER A 6 2.36 20.23 -3.43
N GLY A 7 2.30 19.22 -2.57
CA GLY A 7 1.04 18.86 -1.94
C GLY A 7 0.10 18.17 -2.91
N THR A 8 0.63 17.24 -3.70
CA THR A 8 -0.17 16.51 -4.67
C THR A 8 -1.45 15.97 -4.04
N GLY A 9 -1.32 15.36 -2.86
CA GLY A 9 -2.48 14.82 -2.17
C GLY A 9 -2.14 14.33 -0.77
N GLU A 10 -3.12 13.77 -0.08
CA GLU A 10 -2.93 13.27 1.27
C GLU A 10 -3.13 11.75 1.32
N ASN A 11 -2.03 11.01 1.14
CA ASN A 11 -2.08 9.55 1.16
C ASN A 11 -1.38 9.00 2.40
N PRO A 12 -2.09 9.02 3.54
CA PRO A 12 -1.55 8.52 4.80
C PRO A 12 -1.38 7.01 4.82
N TYR A 13 -2.00 6.35 3.84
CA TYR A 13 -1.92 4.89 3.74
C TYR A 13 -1.47 4.47 2.35
N GLU A 14 -0.22 4.04 2.23
CA GLU A 14 0.32 3.60 0.95
C GLU A 14 0.99 2.23 1.08
N CYS A 15 0.29 1.21 0.58
CA CYS A 15 0.80 -0.16 0.64
C CYS A 15 2.23 -0.23 0.10
N CYS A 16 3.07 -1.00 0.77
CA CYS A 16 4.46 -1.16 0.35
C CYS A 16 4.65 -2.44 -0.45
N GLU A 17 3.88 -3.47 -0.11
CA GLU A 17 3.96 -4.75 -0.80
C GLU A 17 3.93 -4.56 -2.31
N CYS A 18 2.88 -3.90 -2.80
CA CYS A 18 2.73 -3.65 -4.22
C CYS A 18 2.95 -2.18 -4.55
N GLY A 19 2.32 -1.31 -3.76
CA GLY A 19 2.45 0.12 -3.97
C GLY A 19 1.12 0.82 -4.16
N LYS A 20 0.06 0.21 -3.62
CA LYS A 20 -1.28 0.77 -3.73
C LYS A 20 -1.52 1.81 -2.64
N VAL A 21 -2.34 2.82 -2.97
CA VAL A 21 -2.66 3.87 -2.02
C VAL A 21 -4.13 3.83 -1.62
N PHE A 22 -4.47 4.47 -0.50
CA PHE A 22 -5.83 4.50 -0.02
C PHE A 22 -6.10 5.79 0.76
N SER A 23 -7.34 5.95 1.21
CA SER A 23 -7.73 7.14 1.96
C SER A 23 -8.00 6.80 3.42
N ARG A 24 -8.63 5.65 3.64
CA ARG A 24 -8.95 5.20 4.99
C ARG A 24 -8.32 3.84 5.27
N LYS A 25 -7.59 3.75 6.39
CA LYS A 25 -6.94 2.50 6.77
C LYS A 25 -7.83 1.31 6.45
N ASP A 26 -9.10 1.41 6.82
CA ASP A 26 -10.05 0.33 6.57
C ASP A 26 -9.92 -0.20 5.14
N GLN A 27 -9.96 0.72 4.17
CA GLN A 27 -9.85 0.34 2.77
C GLN A 27 -8.49 -0.31 2.49
N LEU A 28 -7.51 -0.01 3.34
CA LEU A 28 -6.17 -0.56 3.17
C LEU A 28 -6.10 -1.98 3.72
N VAL A 29 -6.69 -2.18 4.90
CA VAL A 29 -6.70 -3.49 5.53
C VAL A 29 -7.26 -4.56 4.59
N SER A 30 -8.42 -4.28 4.03
CA SER A 30 -9.07 -5.21 3.10
C SER A 30 -8.12 -5.60 1.96
N HIS A 31 -7.37 -4.62 1.48
CA HIS A 31 -6.42 -4.85 0.39
C HIS A 31 -5.25 -5.71 0.86
N GLN A 32 -4.60 -5.27 1.93
CA GLN A 32 -3.46 -6.00 2.49
C GLN A 32 -3.79 -7.47 2.68
N LYS A 33 -5.09 -7.78 2.74
CA LYS A 33 -5.55 -9.14 2.92
C LYS A 33 -5.50 -9.91 1.60
N THR A 34 -4.84 -9.34 0.60
CA THR A 34 -4.72 -9.97 -0.71
C THR A 34 -3.31 -10.50 -0.93
N HIS A 35 -2.34 -9.90 -0.26
CA HIS A 35 -0.94 -10.31 -0.39
C HIS A 35 -0.65 -11.51 0.50
N SER A 36 -1.03 -12.70 0.03
CA SER A 36 -0.81 -13.92 0.79
C SER A 36 -0.81 -15.14 -0.13
N GLY A 37 -0.07 -16.17 0.26
CA GLY A 37 0.01 -17.37 -0.54
C GLY A 37 1.44 -17.78 -0.84
N GLN A 38 1.61 -18.95 -1.44
CA GLN A 38 2.94 -19.46 -1.78
C GLN A 38 2.90 -20.27 -3.06
N SER A 39 3.86 -20.01 -3.95
CA SER A 39 3.95 -20.70 -5.22
C SER A 39 3.50 -22.16 -5.08
N GLY A 40 2.36 -22.48 -5.70
CA GLY A 40 1.85 -23.83 -5.63
C GLY A 40 0.34 -23.88 -5.51
N PRO A 41 -0.35 -23.44 -6.57
CA PRO A 41 -1.82 -23.42 -6.60
C PRO A 41 -2.42 -24.82 -6.66
N SER A 42 -3.64 -24.94 -6.15
CA SER A 42 -4.33 -26.24 -6.15
C SER A 42 -4.49 -26.77 -7.55
N SER A 43 -5.07 -25.96 -8.44
CA SER A 43 -5.29 -26.35 -9.82
C SER A 43 -3.97 -26.44 -10.57
N GLY A 44 -3.38 -27.63 -10.59
CA GLY A 44 -2.12 -27.83 -11.28
C GLY A 44 -2.08 -27.12 -12.61
ZN ZN B . -0.68 -3.86 -1.95
N GLY A 1 9.97 25.54 -16.15
CA GLY A 1 9.75 24.31 -16.89
C GLY A 1 8.27 23.98 -17.04
N SER A 2 7.62 23.70 -15.92
CA SER A 2 6.20 23.36 -15.92
C SER A 2 5.53 23.79 -14.61
N SER A 3 4.29 24.25 -14.72
CA SER A 3 3.54 24.70 -13.55
C SER A 3 2.32 23.83 -13.32
N GLY A 4 2.22 23.26 -12.11
CA GLY A 4 1.10 22.40 -11.78
C GLY A 4 0.64 22.59 -10.35
N SER A 5 -0.41 21.86 -9.98
CA SER A 5 -0.95 21.95 -8.62
C SER A 5 -0.73 20.64 -7.86
N SER A 6 0.39 20.56 -7.16
CA SER A 6 0.72 19.37 -6.38
C SER A 6 0.32 19.55 -4.92
N GLY A 7 -0.09 18.45 -4.30
CA GLY A 7 -0.51 18.49 -2.91
C GLY A 7 -2.01 18.44 -2.75
N THR A 8 -2.62 17.34 -3.19
CA THR A 8 -4.06 17.17 -3.10
C THR A 8 -4.42 15.86 -2.40
N GLY A 9 -5.19 15.95 -1.32
CA GLY A 9 -5.58 14.77 -0.59
C GLY A 9 -4.42 13.86 -0.27
N GLU A 10 -3.65 14.22 0.75
CA GLU A 10 -2.49 13.43 1.15
C GLU A 10 -2.85 11.95 1.26
N ASN A 11 -1.85 11.09 1.07
CA ASN A 11 -2.07 9.66 1.15
C ASN A 11 -1.38 9.07 2.39
N PRO A 12 -2.04 9.19 3.54
CA PRO A 12 -1.52 8.69 4.82
C PRO A 12 -1.52 7.16 4.88
N TYR A 13 -2.05 6.54 3.83
CA TYR A 13 -2.12 5.08 3.76
C TYR A 13 -1.70 4.58 2.38
N GLU A 14 -0.50 4.03 2.30
CA GLU A 14 0.02 3.51 1.03
C GLU A 14 0.64 2.13 1.22
N CYS A 15 0.03 1.12 0.62
CA CYS A 15 0.51 -0.25 0.72
C CYS A 15 1.97 -0.35 0.26
N CYS A 16 2.71 -1.25 0.88
CA CYS A 16 4.12 -1.45 0.53
C CYS A 16 4.33 -2.77 -0.20
N GLU A 17 3.41 -3.71 0.02
CA GLU A 17 3.49 -5.02 -0.62
C GLU A 17 3.53 -4.88 -2.15
N CYS A 18 2.63 -4.05 -2.68
CA CYS A 18 2.55 -3.82 -4.11
C CYS A 18 2.81 -2.35 -4.45
N GLY A 19 2.37 -1.47 -3.56
CA GLY A 19 2.56 -0.05 -3.78
C GLY A 19 1.26 0.68 -4.06
N LYS A 20 0.16 0.12 -3.56
CA LYS A 20 -1.16 0.72 -3.74
C LYS A 20 -1.42 1.81 -2.71
N VAL A 21 -2.42 2.64 -2.98
CA VAL A 21 -2.77 3.73 -2.07
C VAL A 21 -4.24 3.68 -1.70
N PHE A 22 -4.61 4.39 -0.63
CA PHE A 22 -5.99 4.42 -0.16
C PHE A 22 -6.26 5.69 0.64
N SER A 23 -7.51 5.85 1.07
CA SER A 23 -7.90 7.03 1.85
C SER A 23 -7.93 6.71 3.34
N ARG A 24 -8.59 5.61 3.69
CA ARG A 24 -8.70 5.20 5.08
C ARG A 24 -8.04 3.83 5.29
N LYS A 25 -7.35 3.68 6.42
CA LYS A 25 -6.69 2.43 6.75
C LYS A 25 -7.57 1.24 6.41
N ASP A 26 -8.79 1.25 6.92
CA ASP A 26 -9.74 0.16 6.67
C ASP A 26 -9.67 -0.30 5.22
N GLN A 27 -9.86 0.64 4.29
CA GLN A 27 -9.81 0.32 2.87
C GLN A 27 -8.47 -0.30 2.50
N LEU A 28 -7.43 0.06 3.23
CA LEU A 28 -6.09 -0.45 2.98
C LEU A 28 -5.96 -1.89 3.47
N VAL A 29 -6.45 -2.14 4.68
CA VAL A 29 -6.39 -3.47 5.26
C VAL A 29 -7.06 -4.50 4.37
N SER A 30 -8.26 -4.19 3.91
CA SER A 30 -9.01 -5.08 3.04
C SER A 30 -8.22 -5.42 1.79
N HIS A 31 -7.27 -4.55 1.45
CA HIS A 31 -6.43 -4.76 0.27
C HIS A 31 -5.18 -5.55 0.62
N GLN A 32 -4.44 -5.06 1.61
CA GLN A 32 -3.21 -5.73 2.05
C GLN A 32 -3.47 -7.21 2.31
N LYS A 33 -4.72 -7.56 2.59
CA LYS A 33 -5.10 -8.93 2.87
C LYS A 33 -4.84 -9.82 1.65
N THR A 34 -5.02 -9.25 0.47
CA THR A 34 -4.80 -10.00 -0.78
C THR A 34 -3.36 -10.45 -0.90
N HIS A 35 -2.47 -9.79 -0.16
CA HIS A 35 -1.05 -10.12 -0.20
C HIS A 35 -0.74 -11.24 0.80
N SER A 36 -0.08 -12.29 0.31
CA SER A 36 0.27 -13.43 1.15
C SER A 36 -0.98 -14.06 1.77
N GLY A 37 -2.00 -14.26 0.94
CA GLY A 37 -3.24 -14.86 1.42
C GLY A 37 -3.35 -16.32 1.04
N GLN A 38 -2.31 -17.09 1.33
CA GLN A 38 -2.30 -18.52 1.01
C GLN A 38 -1.06 -19.19 1.58
N SER A 39 -1.26 -20.09 2.53
CA SER A 39 -0.14 -20.81 3.15
C SER A 39 0.24 -22.03 2.32
N GLY A 40 1.55 -22.30 2.26
CA GLY A 40 2.03 -23.44 1.50
C GLY A 40 2.50 -23.05 0.11
N PRO A 41 3.61 -22.30 0.04
CA PRO A 41 4.19 -21.85 -1.22
C PRO A 41 4.80 -23.00 -2.02
N SER A 42 5.39 -23.95 -1.32
CA SER A 42 6.02 -25.10 -1.96
C SER A 42 4.99 -26.20 -2.22
N SER A 43 5.38 -27.17 -3.04
CA SER A 43 4.49 -28.28 -3.39
C SER A 43 5.22 -29.62 -3.25
N GLY A 44 5.19 -30.18 -2.04
CA GLY A 44 5.85 -31.44 -1.80
C GLY A 44 7.27 -31.48 -2.35
ZN ZN B . -0.84 -3.86 -2.08
N GLY A 1 7.83 14.22 -23.90
CA GLY A 1 7.42 14.10 -22.52
C GLY A 1 7.56 12.68 -21.99
N SER A 2 8.74 12.38 -21.45
CA SER A 2 9.01 11.05 -20.91
C SER A 2 8.74 11.01 -19.41
N SER A 3 7.99 12.00 -18.92
CA SER A 3 7.67 12.07 -17.51
C SER A 3 6.40 12.89 -17.28
N GLY A 4 5.42 12.28 -16.60
CA GLY A 4 4.18 12.97 -16.33
C GLY A 4 4.14 13.60 -14.96
N SER A 5 3.26 14.58 -14.78
CA SER A 5 3.13 15.27 -13.50
C SER A 5 1.86 16.10 -13.46
N SER A 6 0.89 15.64 -12.69
CA SER A 6 -0.38 16.35 -12.56
C SER A 6 -0.50 17.02 -11.20
N GLY A 7 0.19 16.47 -10.21
CA GLY A 7 0.15 17.02 -8.87
C GLY A 7 0.57 16.03 -7.81
N THR A 8 0.95 16.53 -6.64
CA THR A 8 1.38 15.67 -5.54
C THR A 8 0.23 14.79 -5.06
N GLY A 9 0.56 13.56 -4.67
CA GLY A 9 -0.45 12.64 -4.19
C GLY A 9 0.01 11.84 -2.99
N GLU A 10 -0.01 12.46 -1.81
CA GLU A 10 0.42 11.80 -0.59
C GLU A 10 -0.78 11.38 0.25
N ASN A 11 -0.71 10.17 0.80
CA ASN A 11 -1.80 9.65 1.63
C ASN A 11 -1.26 8.99 2.90
N PRO A 12 -2.03 9.08 3.98
CA PRO A 12 -1.65 8.51 5.28
C PRO A 12 -1.67 6.98 5.26
N TYR A 13 -2.17 6.42 4.17
CA TYR A 13 -2.25 4.97 4.03
C TYR A 13 -1.73 4.52 2.66
N GLU A 14 -0.55 3.90 2.66
CA GLU A 14 0.05 3.43 1.42
C GLU A 14 0.45 1.96 1.54
N CYS A 15 -0.02 1.15 0.59
CA CYS A 15 0.28 -0.27 0.58
C CYS A 15 1.66 -0.53 0.00
N CYS A 16 2.70 -0.20 0.78
CA CYS A 16 4.08 -0.40 0.34
C CYS A 16 4.23 -1.74 -0.37
N GLU A 17 3.46 -2.73 0.05
CA GLU A 17 3.52 -4.06 -0.54
C GLU A 17 3.59 -3.96 -2.07
N CYS A 18 2.52 -3.47 -2.68
CA CYS A 18 2.47 -3.33 -4.13
C CYS A 18 2.73 -1.89 -4.54
N GLY A 19 2.12 -0.95 -3.82
CA GLY A 19 2.29 0.46 -4.12
C GLY A 19 0.98 1.16 -4.37
N LYS A 20 -0.07 0.69 -3.72
CA LYS A 20 -1.40 1.28 -3.88
C LYS A 20 -1.68 2.28 -2.75
N VAL A 21 -2.65 3.16 -2.98
CA VAL A 21 -3.02 4.17 -1.99
C VAL A 21 -4.50 4.07 -1.63
N PHE A 22 -4.84 4.49 -0.42
CA PHE A 22 -6.22 4.45 0.05
C PHE A 22 -6.56 5.70 0.85
N SER A 23 -7.82 5.82 1.23
CA SER A 23 -8.28 6.97 2.01
C SER A 23 -8.47 6.60 3.48
N ARG A 24 -9.07 5.45 3.72
CA ARG A 24 -9.32 4.98 5.08
C ARG A 24 -8.62 3.64 5.32
N LYS A 25 -7.87 3.56 6.42
CA LYS A 25 -7.16 2.34 6.77
C LYS A 25 -7.99 1.10 6.42
N ASP A 26 -9.28 1.13 6.77
CA ASP A 26 -10.17 0.02 6.49
C ASP A 26 -9.98 -0.49 5.06
N GLN A 27 -10.10 0.41 4.09
CA GLN A 27 -9.94 0.06 2.69
C GLN A 27 -8.57 -0.55 2.44
N LEU A 28 -7.60 -0.15 3.24
CA LEU A 28 -6.23 -0.65 3.10
C LEU A 28 -6.11 -2.07 3.65
N VAL A 29 -6.66 -2.28 4.85
CA VAL A 29 -6.61 -3.60 5.48
C VAL A 29 -7.13 -4.67 4.53
N SER A 30 -8.38 -4.51 4.08
CA SER A 30 -8.99 -5.47 3.18
C SER A 30 -8.05 -5.82 2.03
N HIS A 31 -7.46 -4.79 1.42
CA HIS A 31 -6.53 -4.98 0.31
C HIS A 31 -5.32 -5.78 0.75
N GLN A 32 -4.60 -5.28 1.74
CA GLN A 32 -3.41 -5.95 2.25
C GLN A 32 -3.63 -7.46 2.32
N LYS A 33 -4.81 -7.86 2.74
CA LYS A 33 -5.14 -9.28 2.84
C LYS A 33 -4.59 -10.06 1.65
N THR A 34 -4.84 -9.56 0.45
CA THR A 34 -4.37 -10.21 -0.76
C THR A 34 -2.86 -10.48 -0.68
N HIS A 35 -2.13 -9.54 -0.10
CA HIS A 35 -0.68 -9.68 0.04
C HIS A 35 -0.33 -10.57 1.23
N SER A 36 0.33 -11.69 0.95
CA SER A 36 0.72 -12.63 2.00
C SER A 36 2.22 -12.59 2.23
N GLY A 37 2.65 -11.73 3.15
CA GLY A 37 4.07 -11.61 3.44
C GLY A 37 4.35 -11.58 4.93
N GLN A 38 5.59 -11.89 5.31
CA GLN A 38 5.98 -11.89 6.71
C GLN A 38 5.64 -10.56 7.37
N SER A 39 5.48 -10.58 8.69
CA SER A 39 5.14 -9.37 9.45
C SER A 39 6.28 -8.35 9.36
N GLY A 40 5.94 -7.12 9.02
CA GLY A 40 6.94 -6.08 8.93
C GLY A 40 7.80 -5.96 10.17
N PRO A 41 7.40 -5.06 11.08
CA PRO A 41 8.13 -4.83 12.34
C PRO A 41 7.99 -6.01 13.30
N SER A 42 8.76 -5.97 14.38
CA SER A 42 8.73 -7.04 15.38
C SER A 42 7.29 -7.40 15.74
N SER A 43 6.98 -8.70 15.66
CA SER A 43 5.63 -9.17 15.97
C SER A 43 4.58 -8.32 15.27
N GLY A 44 4.84 -7.96 14.02
CA GLY A 44 3.91 -7.15 13.27
C GLY A 44 2.57 -7.84 13.08
ZN ZN B . -1.21 -3.85 -2.13
N GLY A 1 15.93 15.45 -13.76
CA GLY A 1 16.08 15.58 -12.32
C GLY A 1 15.13 14.67 -11.56
N SER A 2 13.85 15.04 -11.54
CA SER A 2 12.85 14.24 -10.83
C SER A 2 11.53 14.25 -11.59
N SER A 3 11.18 13.10 -12.16
CA SER A 3 9.95 12.97 -12.92
C SER A 3 8.75 12.82 -11.99
N GLY A 4 7.80 13.75 -12.10
CA GLY A 4 6.62 13.70 -11.26
C GLY A 4 5.44 13.04 -11.94
N SER A 5 5.06 11.87 -11.45
CA SER A 5 3.95 11.12 -12.03
C SER A 5 2.91 10.79 -10.97
N SER A 6 3.37 10.28 -9.83
CA SER A 6 2.48 9.93 -8.73
C SER A 6 1.78 11.16 -8.17
N GLY A 7 0.77 10.93 -7.34
CA GLY A 7 0.04 12.03 -6.74
C GLY A 7 0.84 12.78 -5.70
N THR A 8 0.70 14.10 -5.68
CA THR A 8 1.42 14.93 -4.73
C THR A 8 0.51 15.44 -3.64
N GLY A 9 0.37 14.66 -2.56
CA GLY A 9 -0.49 15.05 -1.46
C GLY A 9 -0.22 14.24 -0.21
N GLU A 10 -1.27 13.99 0.57
CA GLU A 10 -1.13 13.23 1.81
C GLU A 10 -1.68 11.82 1.64
N ASN A 11 -0.80 10.84 1.78
CA ASN A 11 -1.20 9.43 1.65
C ASN A 11 -0.70 8.61 2.83
N PRO A 12 -1.45 8.68 3.95
CA PRO A 12 -1.11 7.94 5.17
C PRO A 12 -1.30 6.44 5.01
N TYR A 13 -1.95 6.03 3.93
CA TYR A 13 -2.21 4.63 3.67
C TYR A 13 -1.69 4.23 2.29
N GLU A 14 -0.43 3.81 2.23
CA GLU A 14 0.18 3.40 0.97
C GLU A 14 0.65 1.95 1.03
N CYS A 15 -0.13 1.06 0.44
CA CYS A 15 0.20 -0.36 0.43
C CYS A 15 1.69 -0.57 0.13
N CYS A 16 2.43 -0.98 1.15
CA CYS A 16 3.86 -1.22 0.99
C CYS A 16 4.13 -2.63 0.50
N GLU A 17 3.26 -3.13 -0.38
CA GLU A 17 3.41 -4.47 -0.92
C GLU A 17 3.36 -4.46 -2.45
N CYS A 18 2.47 -3.64 -2.99
CA CYS A 18 2.33 -3.52 -4.44
C CYS A 18 2.53 -2.08 -4.90
N GLY A 19 1.91 -1.14 -4.18
CA GLY A 19 2.04 0.26 -4.53
C GLY A 19 0.71 0.90 -4.87
N LYS A 20 -0.24 0.78 -3.95
CA LYS A 20 -1.57 1.36 -4.15
C LYS A 20 -2.02 2.13 -2.92
N VAL A 21 -2.46 3.37 -3.14
CA VAL A 21 -2.92 4.22 -2.04
C VAL A 21 -4.42 4.05 -1.81
N PHE A 22 -4.87 4.43 -0.62
CA PHE A 22 -6.28 4.33 -0.27
C PHE A 22 -6.76 5.58 0.46
N SER A 23 -8.08 5.72 0.58
CA SER A 23 -8.66 6.88 1.26
C SER A 23 -8.69 6.67 2.77
N ARG A 24 -9.21 5.52 3.19
CA ARG A 24 -9.30 5.20 4.61
C ARG A 24 -8.56 3.89 4.91
N LYS A 25 -7.79 3.90 6.00
CA LYS A 25 -7.03 2.72 6.40
C LYS A 25 -7.83 1.45 6.15
N ASP A 26 -9.06 1.43 6.64
CA ASP A 26 -9.93 0.26 6.47
C ASP A 26 -9.74 -0.36 5.09
N GLN A 27 -9.97 0.43 4.06
CA GLN A 27 -9.82 -0.05 2.68
C GLN A 27 -8.44 -0.68 2.47
N LEU A 28 -7.43 -0.12 3.14
CA LEU A 28 -6.08 -0.62 3.02
C LEU A 28 -5.94 -1.98 3.70
N VAL A 29 -6.51 -2.10 4.90
CA VAL A 29 -6.45 -3.34 5.65
C VAL A 29 -7.03 -4.50 4.85
N SER A 30 -8.23 -4.29 4.32
CA SER A 30 -8.90 -5.32 3.53
C SER A 30 -8.08 -5.68 2.30
N HIS A 31 -7.33 -4.72 1.79
CA HIS A 31 -6.50 -4.94 0.60
C HIS A 31 -5.25 -5.73 0.97
N GLN A 32 -4.38 -5.12 1.77
CA GLN A 32 -3.14 -5.77 2.19
C GLN A 32 -3.36 -7.28 2.41
N LYS A 33 -4.58 -7.62 2.80
CA LYS A 33 -4.93 -9.02 3.06
C LYS A 33 -4.43 -9.92 1.93
N THR A 34 -4.79 -9.57 0.70
CA THR A 34 -4.37 -10.34 -0.47
C THR A 34 -2.86 -10.51 -0.50
N HIS A 35 -2.15 -9.59 0.14
CA HIS A 35 -0.69 -9.65 0.19
C HIS A 35 -0.21 -10.44 1.40
N SER A 36 1.03 -10.91 1.34
CA SER A 36 1.61 -11.69 2.43
C SER A 36 2.91 -11.05 2.92
N GLY A 37 2.89 -10.54 4.14
CA GLY A 37 4.08 -9.92 4.70
C GLY A 37 5.26 -10.87 4.77
N GLN A 38 5.58 -11.32 5.98
CA GLN A 38 6.69 -12.25 6.18
C GLN A 38 6.67 -13.36 5.13
N SER A 39 7.63 -13.31 4.21
CA SER A 39 7.73 -14.32 3.15
C SER A 39 8.91 -15.26 3.39
N GLY A 40 8.63 -16.36 4.09
CA GLY A 40 9.68 -17.33 4.38
C GLY A 40 9.42 -18.10 5.66
N PRO A 41 8.61 -19.15 5.58
CA PRO A 41 8.26 -19.99 6.73
C PRO A 41 9.44 -20.81 7.22
N SER A 42 10.48 -20.89 6.40
CA SER A 42 11.68 -21.66 6.75
C SER A 42 12.36 -21.07 7.97
N SER A 43 13.32 -21.81 8.52
CA SER A 43 14.05 -21.36 9.70
C SER A 43 15.17 -20.39 9.32
N GLY A 44 16.11 -20.87 8.51
CA GLY A 44 17.22 -20.04 8.08
C GLY A 44 18.22 -20.79 7.22
ZN ZN B . -1.29 -3.87 -2.31
N GLY A 1 10.50 16.61 -11.54
CA GLY A 1 10.73 17.54 -10.45
C GLY A 1 9.76 18.71 -10.49
N SER A 2 10.30 19.90 -10.74
CA SER A 2 9.48 21.11 -10.78
C SER A 2 8.32 20.93 -11.77
N SER A 3 8.64 20.52 -12.98
CA SER A 3 7.62 20.32 -14.01
C SER A 3 7.29 18.83 -14.17
N GLY A 4 6.21 18.41 -13.52
CA GLY A 4 5.80 17.03 -13.60
C GLY A 4 6.03 16.28 -12.30
N SER A 5 5.27 16.66 -11.26
CA SER A 5 5.40 16.04 -9.95
C SER A 5 4.96 14.58 -10.01
N SER A 6 5.77 13.69 -9.44
CA SER A 6 5.47 12.27 -9.43
C SER A 6 5.27 11.76 -8.00
N GLY A 7 6.28 11.97 -7.16
CA GLY A 7 6.19 11.54 -5.78
C GLY A 7 5.97 10.04 -5.66
N THR A 8 6.07 9.53 -4.43
CA THR A 8 5.88 8.11 -4.18
C THR A 8 4.53 7.84 -3.52
N GLY A 9 4.19 8.67 -2.53
CA GLY A 9 2.93 8.49 -1.83
C GLY A 9 2.66 9.62 -0.84
N GLU A 10 1.59 10.37 -1.08
CA GLU A 10 1.23 11.48 -0.20
C GLU A 10 -0.09 11.21 0.50
N ASN A 11 -0.29 9.97 0.93
CA ASN A 11 -1.51 9.58 1.61
C ASN A 11 -1.20 8.91 2.96
N PRO A 12 -2.14 9.02 3.90
CA PRO A 12 -1.99 8.44 5.23
C PRO A 12 -2.05 6.91 5.21
N TYR A 13 -2.41 6.36 4.06
CA TYR A 13 -2.51 4.91 3.91
C TYR A 13 -1.98 4.47 2.55
N GLU A 14 -0.79 3.89 2.53
CA GLU A 14 -0.18 3.43 1.29
C GLU A 14 0.28 1.98 1.43
N CYS A 15 -0.13 1.15 0.47
CA CYS A 15 0.24 -0.26 0.47
C CYS A 15 1.63 -0.46 -0.13
N CYS A 16 2.66 -0.06 0.61
CA CYS A 16 4.03 -0.21 0.15
C CYS A 16 4.23 -1.52 -0.59
N GLU A 17 3.56 -2.56 -0.11
CA GLU A 17 3.66 -3.89 -0.73
C GLU A 17 3.66 -3.78 -2.24
N CYS A 18 2.57 -3.27 -2.79
CA CYS A 18 2.43 -3.12 -4.24
C CYS A 18 2.65 -1.67 -4.66
N GLY A 19 2.09 -0.75 -3.88
CA GLY A 19 2.23 0.66 -4.18
C GLY A 19 0.90 1.34 -4.42
N LYS A 20 -0.15 0.83 -3.79
CA LYS A 20 -1.48 1.39 -3.95
C LYS A 20 -1.80 2.38 -2.83
N VAL A 21 -2.80 3.21 -3.04
CA VAL A 21 -3.20 4.21 -2.05
C VAL A 21 -4.68 4.08 -1.72
N PHE A 22 -5.04 4.52 -0.51
CA PHE A 22 -6.43 4.46 -0.06
C PHE A 22 -6.80 5.72 0.72
N SER A 23 -8.09 5.85 1.03
CA SER A 23 -8.58 7.00 1.78
C SER A 23 -8.69 6.68 3.26
N ARG A 24 -9.13 5.47 3.57
CA ARG A 24 -9.29 5.04 4.95
C ARG A 24 -8.56 3.72 5.20
N LYS A 25 -8.01 3.57 6.39
CA LYS A 25 -7.29 2.35 6.76
C LYS A 25 -8.12 1.12 6.43
N ASP A 26 -9.37 1.12 6.87
CA ASP A 26 -10.27 -0.01 6.63
C ASP A 26 -10.11 -0.53 5.20
N GLN A 27 -10.17 0.38 4.23
CA GLN A 27 -10.03 0.00 2.82
C GLN A 27 -8.65 -0.58 2.56
N LEU A 28 -7.67 -0.15 3.32
CA LEU A 28 -6.30 -0.64 3.17
C LEU A 28 -6.15 -2.04 3.74
N VAL A 29 -6.71 -2.25 4.93
CA VAL A 29 -6.64 -3.55 5.59
C VAL A 29 -7.15 -4.66 4.67
N SER A 30 -8.40 -4.54 4.24
CA SER A 30 -9.00 -5.54 3.36
C SER A 30 -8.06 -5.87 2.20
N HIS A 31 -7.50 -4.83 1.59
CA HIS A 31 -6.59 -5.01 0.46
C HIS A 31 -5.34 -5.77 0.90
N GLN A 32 -4.58 -5.19 1.81
CA GLN A 32 -3.36 -5.81 2.31
C GLN A 32 -3.52 -7.33 2.39
N LYS A 33 -4.74 -7.78 2.69
CA LYS A 33 -5.01 -9.20 2.80
C LYS A 33 -4.38 -9.97 1.64
N THR A 34 -4.60 -9.49 0.42
CA THR A 34 -4.06 -10.13 -0.77
C THR A 34 -2.60 -10.51 -0.56
N HIS A 35 -1.82 -9.59 0.01
CA HIS A 35 -0.41 -9.84 0.26
C HIS A 35 -0.21 -10.67 1.52
N SER A 36 -0.30 -11.99 1.39
CA SER A 36 -0.14 -12.89 2.53
C SER A 36 1.33 -13.25 2.73
N GLY A 37 1.61 -13.96 3.82
CA GLY A 37 2.97 -14.35 4.12
C GLY A 37 3.16 -15.85 4.06
N GLN A 38 4.09 -16.31 3.22
CA GLN A 38 4.38 -17.73 3.08
C GLN A 38 5.11 -18.27 4.30
N SER A 39 6.11 -17.52 4.76
CA SER A 39 6.91 -17.92 5.91
C SER A 39 6.26 -17.44 7.20
N GLY A 40 5.90 -18.38 8.07
CA GLY A 40 5.27 -18.04 9.34
C GLY A 40 3.83 -17.60 9.16
N PRO A 41 2.96 -18.56 8.80
CA PRO A 41 1.53 -18.29 8.60
C PRO A 41 0.81 -17.99 9.91
N SER A 42 1.00 -18.85 10.90
CA SER A 42 0.36 -18.68 12.20
C SER A 42 1.25 -17.84 13.12
N SER A 43 0.94 -16.55 13.20
CA SER A 43 1.71 -15.64 14.04
C SER A 43 0.79 -14.97 15.08
N GLY A 44 0.55 -15.67 16.18
CA GLY A 44 -0.30 -15.14 17.23
C GLY A 44 -1.46 -16.05 17.55
ZN ZN B . -1.13 -3.87 -2.05
N GLY A 1 7.94 16.41 -26.58
CA GLY A 1 6.80 16.85 -25.81
C GLY A 1 7.13 17.03 -24.34
N SER A 2 6.10 17.09 -23.50
CA SER A 2 6.29 17.27 -22.06
C SER A 2 5.04 16.83 -21.30
N SER A 3 5.25 15.99 -20.29
CA SER A 3 4.14 15.50 -19.47
C SER A 3 4.66 14.74 -18.25
N GLY A 4 3.97 14.91 -17.13
CA GLY A 4 4.38 14.24 -15.90
C GLY A 4 3.37 14.41 -14.79
N SER A 5 3.69 13.87 -13.62
CA SER A 5 2.80 13.96 -12.47
C SER A 5 3.02 15.26 -11.71
N SER A 6 2.19 16.26 -12.01
CA SER A 6 2.29 17.55 -11.36
C SER A 6 1.27 17.69 -10.24
N GLY A 7 1.69 18.25 -9.12
CA GLY A 7 0.80 18.43 -7.98
C GLY A 7 1.14 17.51 -6.82
N THR A 8 0.89 17.99 -5.60
CA THR A 8 1.17 17.22 -4.40
C THR A 8 -0.07 16.50 -3.90
N GLY A 9 0.12 15.31 -3.34
CA GLY A 9 -1.00 14.54 -2.82
C GLY A 9 -0.57 13.22 -2.23
N GLU A 10 -0.49 13.15 -0.91
CA GLU A 10 -0.08 11.92 -0.23
C GLU A 10 -1.14 11.50 0.80
N ASN A 11 -1.31 10.19 0.94
CA ASN A 11 -2.29 9.65 1.87
C ASN A 11 -1.60 8.98 3.05
N PRO A 12 -2.26 8.99 4.21
CA PRO A 12 -1.74 8.39 5.44
C PRO A 12 -1.69 6.86 5.36
N TYR A 13 -2.14 6.32 4.24
CA TYR A 13 -2.14 4.87 4.04
C TYR A 13 -1.59 4.50 2.66
N GLU A 14 -0.43 3.84 2.66
CA GLU A 14 0.20 3.44 1.41
C GLU A 14 0.68 1.99 1.49
N CYS A 15 0.20 1.16 0.57
CA CYS A 15 0.58 -0.24 0.55
C CYS A 15 2.03 -0.41 0.07
N CYS A 16 2.92 -0.67 1.02
CA CYS A 16 4.34 -0.85 0.72
C CYS A 16 4.62 -2.26 0.24
N GLU A 17 3.78 -2.77 -0.65
CA GLU A 17 3.93 -4.12 -1.19
C GLU A 17 3.82 -4.12 -2.71
N CYS A 18 2.86 -3.37 -3.23
CA CYS A 18 2.64 -3.29 -4.66
C CYS A 18 2.63 -1.83 -5.13
N GLY A 19 1.90 -0.98 -4.40
CA GLY A 19 1.82 0.41 -4.75
C GLY A 19 0.39 0.91 -4.86
N LYS A 20 -0.43 0.57 -3.85
CA LYS A 20 -1.82 0.98 -3.83
C LYS A 20 -2.08 1.95 -2.69
N VAL A 21 -2.63 3.12 -3.02
CA VAL A 21 -2.94 4.14 -2.02
C VAL A 21 -4.42 4.09 -1.63
N PHE A 22 -4.70 4.44 -0.38
CA PHE A 22 -6.07 4.45 0.11
C PHE A 22 -6.35 5.70 0.94
N SER A 23 -7.63 5.99 1.15
CA SER A 23 -8.02 7.17 1.92
C SER A 23 -8.24 6.81 3.39
N ARG A 24 -8.81 5.64 3.62
CA ARG A 24 -9.07 5.17 4.98
C ARG A 24 -8.49 3.79 5.21
N LYS A 25 -7.74 3.63 6.29
CA LYS A 25 -7.11 2.35 6.62
C LYS A 25 -8.03 1.19 6.24
N ASP A 26 -9.29 1.27 6.64
CA ASP A 26 -10.26 0.24 6.34
C ASP A 26 -10.05 -0.31 4.92
N GLN A 27 -10.08 0.58 3.94
CA GLN A 27 -9.89 0.19 2.55
C GLN A 27 -8.55 -0.49 2.35
N LEU A 28 -7.57 -0.10 3.15
CA LEU A 28 -6.22 -0.68 3.07
C LEU A 28 -6.20 -2.09 3.63
N VAL A 29 -6.77 -2.26 4.82
CA VAL A 29 -6.83 -3.57 5.47
C VAL A 29 -7.29 -4.64 4.50
N SER A 30 -8.48 -4.45 3.92
CA SER A 30 -9.03 -5.41 2.98
C SER A 30 -8.04 -5.70 1.85
N HIS A 31 -7.29 -4.68 1.45
CA HIS A 31 -6.30 -4.83 0.39
C HIS A 31 -5.13 -5.70 0.85
N GLN A 32 -4.61 -5.40 2.04
CA GLN A 32 -3.49 -6.15 2.59
C GLN A 32 -3.84 -7.64 2.72
N LYS A 33 -5.13 -7.93 2.79
CA LYS A 33 -5.60 -9.30 2.92
C LYS A 33 -5.03 -10.18 1.81
N THR A 34 -4.74 -9.56 0.67
CA THR A 34 -4.19 -10.28 -0.47
C THR A 34 -2.68 -10.04 -0.59
N HIS A 35 -2.03 -9.88 0.56
CA HIS A 35 -0.58 -9.65 0.57
C HIS A 35 0.10 -10.59 1.57
N SER A 36 -0.53 -10.76 2.73
CA SER A 36 0.03 -11.62 3.77
C SER A 36 -0.42 -13.06 3.57
N GLY A 37 0.31 -13.80 2.73
CA GLY A 37 -0.03 -15.19 2.47
C GLY A 37 0.75 -15.77 1.31
N GLN A 38 2.03 -16.01 1.51
CA GLN A 38 2.88 -16.56 0.46
C GLN A 38 3.52 -17.87 0.91
N SER A 39 3.91 -18.70 -0.05
CA SER A 39 4.53 -19.99 0.25
C SER A 39 3.92 -20.61 1.50
N GLY A 40 2.61 -20.53 1.61
CA GLY A 40 1.92 -21.09 2.77
C GLY A 40 2.21 -22.57 2.96
N PRO A 41 1.58 -23.40 2.11
CA PRO A 41 1.76 -24.85 2.16
C PRO A 41 3.15 -25.29 1.73
N SER A 42 3.52 -26.52 2.07
CA SER A 42 4.83 -27.05 1.72
C SER A 42 4.90 -27.37 0.22
N SER A 43 3.93 -28.15 -0.25
CA SER A 43 3.88 -28.53 -1.66
C SER A 43 2.53 -29.15 -2.01
N GLY A 44 2.14 -29.02 -3.27
CA GLY A 44 0.87 -29.58 -3.71
C GLY A 44 0.55 -29.23 -5.16
ZN ZN B . -0.92 -3.84 -2.40
N GLY A 1 4.53 6.79 -26.35
CA GLY A 1 4.57 7.98 -25.52
C GLY A 1 3.46 8.00 -24.48
N SER A 2 3.31 6.91 -23.74
CA SER A 2 2.28 6.81 -22.72
C SER A 2 2.88 7.01 -21.33
N SER A 3 2.04 7.46 -20.39
CA SER A 3 2.49 7.69 -19.02
C SER A 3 1.48 7.12 -18.03
N GLY A 4 2.00 6.44 -17.00
CA GLY A 4 1.13 5.86 -16.00
C GLY A 4 1.42 6.39 -14.61
N SER A 5 2.71 6.52 -14.28
CA SER A 5 3.12 7.01 -12.98
C SER A 5 2.97 8.52 -12.88
N SER A 6 2.01 8.97 -12.09
CA SER A 6 1.77 10.40 -11.93
C SER A 6 2.26 10.89 -10.58
N GLY A 7 1.91 10.16 -9.52
CA GLY A 7 2.34 10.53 -8.19
C GLY A 7 1.26 11.28 -7.42
N THR A 8 0.51 10.55 -6.59
CA THR A 8 -0.56 11.14 -5.81
C THR A 8 -0.04 11.65 -4.47
N GLY A 9 1.11 12.33 -4.50
CA GLY A 9 1.70 12.86 -3.29
C GLY A 9 1.92 11.80 -2.23
N GLU A 10 1.32 12.00 -1.07
CA GLU A 10 1.45 11.05 0.04
C GLU A 10 0.11 10.82 0.72
N ASN A 11 -0.05 9.65 1.34
CA ASN A 11 -1.29 9.30 2.03
C ASN A 11 -1.01 8.38 3.21
N PRO A 12 -1.77 8.57 4.29
CA PRO A 12 -1.63 7.77 5.52
C PRO A 12 -2.08 6.33 5.32
N TYR A 13 -2.61 6.03 4.13
CA TYR A 13 -3.09 4.69 3.81
C TYR A 13 -2.54 4.22 2.46
N GLU A 14 -1.22 4.04 2.40
CA GLU A 14 -0.57 3.59 1.18
C GLU A 14 0.05 2.21 1.37
N CYS A 15 -0.28 1.30 0.47
CA CYS A 15 0.24 -0.06 0.53
C CYS A 15 1.72 -0.10 0.16
N CYS A 16 2.54 -0.63 1.06
CA CYS A 16 3.98 -0.73 0.83
C CYS A 16 4.36 -2.10 0.30
N GLU A 17 3.38 -2.79 -0.29
CA GLU A 17 3.62 -4.12 -0.84
C GLU A 17 3.57 -4.10 -2.36
N CYS A 18 2.64 -3.31 -2.90
CA CYS A 18 2.48 -3.20 -4.35
C CYS A 18 2.52 -1.74 -4.79
N GLY A 19 1.81 -0.89 -4.07
CA GLY A 19 1.77 0.53 -4.40
C GLY A 19 0.38 1.02 -4.73
N LYS A 20 -0.51 0.96 -3.75
CA LYS A 20 -1.88 1.41 -3.95
C LYS A 20 -2.36 2.24 -2.76
N VAL A 21 -2.74 3.49 -3.03
CA VAL A 21 -3.22 4.38 -1.99
C VAL A 21 -4.72 4.21 -1.76
N PHE A 22 -5.18 4.57 -0.57
CA PHE A 22 -6.59 4.46 -0.21
C PHE A 22 -7.09 5.75 0.45
N SER A 23 -8.38 5.78 0.76
CA SER A 23 -8.99 6.93 1.39
C SER A 23 -9.24 6.68 2.88
N ARG A 24 -9.12 5.42 3.27
CA ARG A 24 -9.34 5.04 4.67
C ARG A 24 -8.59 3.75 5.00
N LYS A 25 -7.83 3.78 6.09
CA LYS A 25 -7.06 2.61 6.51
C LYS A 25 -7.86 1.33 6.30
N ASP A 26 -9.14 1.37 6.66
CA ASP A 26 -10.01 0.22 6.50
C ASP A 26 -9.88 -0.39 5.11
N GLN A 27 -10.01 0.47 4.10
CA GLN A 27 -9.91 0.02 2.71
C GLN A 27 -8.51 -0.52 2.41
N LEU A 28 -7.56 -0.18 3.27
CA LEU A 28 -6.18 -0.62 3.10
C LEU A 28 -5.97 -1.99 3.75
N VAL A 29 -6.53 -2.17 4.94
CA VAL A 29 -6.41 -3.43 5.67
C VAL A 29 -6.96 -4.59 4.85
N SER A 30 -8.14 -4.39 4.27
CA SER A 30 -8.79 -5.42 3.46
C SER A 30 -8.02 -5.66 2.17
N HIS A 31 -7.16 -4.71 1.82
CA HIS A 31 -6.35 -4.82 0.60
C HIS A 31 -5.05 -5.55 0.88
N GLN A 32 -4.36 -5.14 1.94
CA GLN A 32 -3.09 -5.76 2.30
C GLN A 32 -3.26 -7.26 2.54
N LYS A 33 -4.49 -7.68 2.77
CA LYS A 33 -4.79 -9.09 3.00
C LYS A 33 -4.41 -9.94 1.80
N THR A 34 -4.45 -9.32 0.62
CA THR A 34 -4.11 -10.03 -0.62
C THR A 34 -2.60 -10.25 -0.71
N HIS A 35 -1.84 -9.45 0.03
CA HIS A 35 -0.38 -9.57 0.02
C HIS A 35 0.09 -10.53 1.11
N SER A 36 -0.77 -11.48 1.46
CA SER A 36 -0.44 -12.46 2.49
C SER A 36 -0.75 -13.88 2.02
N GLY A 37 -0.06 -14.86 2.59
CA GLY A 37 -0.28 -16.24 2.21
C GLY A 37 0.92 -16.86 1.53
N GLN A 38 1.16 -16.45 0.29
CA GLN A 38 2.29 -16.97 -0.48
C GLN A 38 3.38 -15.91 -0.63
N SER A 39 3.59 -15.13 0.43
CA SER A 39 4.60 -14.07 0.40
C SER A 39 5.95 -14.61 0.87
N GLY A 40 6.71 -15.17 -0.07
CA GLY A 40 8.01 -15.72 0.27
C GLY A 40 8.89 -15.92 -0.96
N PRO A 41 10.21 -15.91 -0.76
CA PRO A 41 11.18 -16.10 -1.85
C PRO A 41 11.17 -17.52 -2.40
N SER A 42 12.05 -17.79 -3.35
CA SER A 42 12.15 -19.11 -3.97
C SER A 42 10.76 -19.68 -4.22
N SER A 43 9.84 -18.84 -4.68
CA SER A 43 8.47 -19.26 -4.96
C SER A 43 8.40 -20.09 -6.23
N GLY A 44 7.38 -20.93 -6.34
CA GLY A 44 7.22 -21.77 -7.51
C GLY A 44 6.55 -23.09 -7.19
ZN ZN B . -1.14 -3.68 -2.20
N GLY A 1 21.41 24.53 -14.05
CA GLY A 1 20.32 23.59 -14.25
C GLY A 1 19.10 23.94 -13.43
N SER A 2 18.07 23.10 -13.51
CA SER A 2 16.83 23.32 -12.77
C SER A 2 16.43 22.07 -12.00
N SER A 3 15.74 22.27 -10.89
CA SER A 3 15.29 21.15 -10.06
C SER A 3 13.77 20.96 -10.19
N GLY A 4 13.32 19.72 -9.99
CA GLY A 4 11.91 19.42 -10.09
C GLY A 4 11.38 18.71 -8.85
N SER A 5 10.13 18.99 -8.51
CA SER A 5 9.50 18.38 -7.34
C SER A 5 7.99 18.46 -7.43
N SER A 6 7.33 17.32 -7.27
CA SER A 6 5.88 17.26 -7.33
C SER A 6 5.35 16.07 -6.53
N GLY A 7 4.21 16.27 -5.86
CA GLY A 7 3.61 15.22 -5.07
C GLY A 7 2.48 14.52 -5.78
N THR A 8 2.29 13.24 -5.49
CA THR A 8 1.23 12.46 -6.12
C THR A 8 0.31 11.85 -5.06
N GLY A 9 -0.71 12.61 -4.67
CA GLY A 9 -1.66 12.12 -3.68
C GLY A 9 -0.96 11.59 -2.44
N GLU A 10 -0.86 12.43 -1.41
CA GLU A 10 -0.22 12.04 -0.17
C GLU A 10 -1.25 11.57 0.85
N ASN A 11 -1.33 10.25 1.05
CA ASN A 11 -2.27 9.67 1.99
C ASN A 11 -1.54 8.85 3.06
N PRO A 12 -2.06 8.89 4.28
CA PRO A 12 -1.48 8.16 5.41
C PRO A 12 -1.66 6.65 5.28
N TYR A 13 -2.41 6.24 4.27
CA TYR A 13 -2.67 4.82 4.04
C TYR A 13 -2.20 4.41 2.64
N GLU A 14 -0.98 3.89 2.56
CA GLU A 14 -0.42 3.45 1.29
C GLU A 14 0.25 2.08 1.43
N CYS A 15 -0.20 1.13 0.63
CA CYS A 15 0.34 -0.22 0.66
C CYS A 15 1.77 -0.25 0.12
N CYS A 16 2.66 -0.92 0.84
CA CYS A 16 4.05 -1.01 0.44
C CYS A 16 4.30 -2.30 -0.35
N GLU A 17 3.43 -3.29 -0.15
CA GLU A 17 3.56 -4.56 -0.84
C GLU A 17 3.57 -4.37 -2.36
N CYS A 18 2.54 -3.70 -2.87
CA CYS A 18 2.44 -3.45 -4.30
C CYS A 18 2.73 -1.99 -4.62
N GLY A 19 2.14 -1.08 -3.85
CA GLY A 19 2.36 0.33 -4.07
C GLY A 19 1.06 1.09 -4.31
N LYS A 20 -0.02 0.61 -3.72
CA LYS A 20 -1.32 1.25 -3.87
C LYS A 20 -1.62 2.18 -2.71
N VAL A 21 -2.55 3.11 -2.92
CA VAL A 21 -2.93 4.08 -1.89
C VAL A 21 -4.42 4.01 -1.61
N PHE A 22 -4.81 4.52 -0.45
CA PHE A 22 -6.22 4.53 -0.05
C PHE A 22 -6.55 5.78 0.76
N SER A 23 -7.84 6.02 0.97
CA SER A 23 -8.29 7.17 1.72
C SER A 23 -8.44 6.84 3.21
N ARG A 24 -9.00 5.66 3.49
CA ARG A 24 -9.19 5.22 4.87
C ARG A 24 -8.49 3.89 5.12
N LYS A 25 -7.68 3.84 6.16
CA LYS A 25 -6.94 2.64 6.50
C LYS A 25 -7.78 1.39 6.25
N ASP A 26 -9.03 1.43 6.71
CA ASP A 26 -9.94 0.31 6.53
C ASP A 26 -9.81 -0.29 5.12
N GLN A 27 -9.95 0.57 4.11
CA GLN A 27 -9.84 0.13 2.73
C GLN A 27 -8.49 -0.52 2.46
N LEU A 28 -7.47 -0.05 3.17
CA LEU A 28 -6.12 -0.58 3.01
C LEU A 28 -5.99 -1.96 3.64
N VAL A 29 -6.46 -2.10 4.88
CA VAL A 29 -6.41 -3.37 5.59
C VAL A 29 -6.94 -4.50 4.72
N SER A 30 -8.18 -4.36 4.26
CA SER A 30 -8.81 -5.37 3.43
C SER A 30 -7.92 -5.72 2.24
N HIS A 31 -7.35 -4.69 1.61
CA HIS A 31 -6.48 -4.89 0.45
C HIS A 31 -5.24 -5.69 0.85
N GLN A 32 -4.45 -5.15 1.77
CA GLN A 32 -3.24 -5.82 2.22
C GLN A 32 -3.43 -7.32 2.29
N LYS A 33 -4.67 -7.74 2.56
CA LYS A 33 -5.00 -9.15 2.65
C LYS A 33 -4.45 -9.92 1.46
N THR A 34 -4.75 -9.42 0.25
CA THR A 34 -4.28 -10.06 -0.97
C THR A 34 -2.81 -10.45 -0.87
N HIS A 35 -2.08 -9.74 -0.02
CA HIS A 35 -0.65 -10.01 0.17
C HIS A 35 -0.44 -10.97 1.33
N SER A 36 -1.31 -11.97 1.45
CA SER A 36 -1.22 -12.94 2.53
C SER A 36 -1.06 -14.35 1.97
N GLY A 37 -0.03 -15.05 2.43
CA GLY A 37 0.22 -16.41 1.96
C GLY A 37 0.93 -17.25 2.99
N GLN A 38 1.60 -18.31 2.53
CA GLN A 38 2.34 -19.20 3.42
C GLN A 38 3.78 -19.33 2.98
N SER A 39 4.70 -19.42 3.95
CA SER A 39 6.11 -19.55 3.66
C SER A 39 6.73 -20.71 4.43
N GLY A 40 7.77 -21.31 3.86
CA GLY A 40 8.42 -22.44 4.49
C GLY A 40 9.73 -22.05 5.15
N PRO A 41 10.42 -23.04 5.73
CA PRO A 41 11.71 -22.82 6.41
C PRO A 41 12.82 -22.47 5.42
N SER A 42 12.52 -22.57 4.13
CA SER A 42 13.50 -22.27 3.09
C SER A 42 13.58 -20.77 2.83
N SER A 43 14.80 -20.24 2.87
CA SER A 43 15.01 -18.82 2.64
C SER A 43 14.42 -18.38 1.30
N GLY A 44 14.78 -19.11 0.24
CA GLY A 44 14.27 -18.79 -1.08
C GLY A 44 15.31 -19.03 -2.16
ZN ZN B . -0.89 -3.86 -1.99
N GLY A 1 13.24 25.55 -20.63
CA GLY A 1 12.39 25.05 -19.56
C GLY A 1 11.72 23.74 -19.90
N SER A 2 10.42 23.66 -19.68
CA SER A 2 9.66 22.44 -19.96
C SER A 2 10.26 21.24 -19.23
N SER A 3 10.62 21.46 -17.97
CA SER A 3 11.21 20.39 -17.15
C SER A 3 10.95 20.65 -15.67
N GLY A 4 11.29 19.66 -14.85
CA GLY A 4 11.08 19.79 -13.41
C GLY A 4 9.82 19.12 -12.95
N SER A 5 9.91 18.38 -11.84
CA SER A 5 8.75 17.68 -11.28
C SER A 5 8.67 17.87 -9.78
N SER A 6 7.46 17.77 -9.23
CA SER A 6 7.24 17.94 -7.80
C SER A 6 5.98 17.21 -7.36
N GLY A 7 5.82 17.04 -6.05
CA GLY A 7 4.65 16.37 -5.52
C GLY A 7 4.47 16.61 -4.04
N THR A 8 3.22 16.73 -3.60
CA THR A 8 2.91 16.97 -2.20
C THR A 8 1.57 16.34 -1.82
N GLY A 9 1.37 16.16 -0.51
CA GLY A 9 0.13 15.57 -0.04
C GLY A 9 0.29 14.09 0.29
N GLU A 10 1.30 13.77 1.09
CA GLU A 10 1.56 12.38 1.47
C GLU A 10 0.27 11.70 1.94
N ASN A 11 -0.04 10.56 1.34
CA ASN A 11 -1.24 9.81 1.70
C ASN A 11 -1.05 9.11 3.04
N PRO A 12 -2.14 9.04 3.82
CA PRO A 12 -2.14 8.40 5.14
C PRO A 12 -1.99 6.88 5.04
N TYR A 13 -2.52 6.31 3.97
CA TYR A 13 -2.45 4.87 3.75
C TYR A 13 -1.95 4.55 2.35
N GLU A 14 -0.74 4.01 2.27
CA GLU A 14 -0.14 3.65 0.99
C GLU A 14 0.54 2.29 1.06
N CYS A 15 0.05 1.35 0.26
CA CYS A 15 0.60 0.00 0.23
C CYS A 15 1.99 0.00 -0.41
N CYS A 16 2.91 -0.75 0.18
CA CYS A 16 4.27 -0.85 -0.34
C CYS A 16 4.49 -2.19 -1.06
N GLU A 17 3.64 -3.15 -0.75
CA GLU A 17 3.75 -4.48 -1.37
C GLU A 17 3.63 -4.38 -2.89
N CYS A 18 2.68 -3.58 -3.35
CA CYS A 18 2.46 -3.40 -4.78
C CYS A 18 2.53 -1.92 -5.17
N GLY A 19 1.87 -1.09 -4.38
CA GLY A 19 1.86 0.34 -4.64
C GLY A 19 0.47 0.87 -4.91
N LYS A 20 -0.35 0.93 -3.88
CA LYS A 20 -1.72 1.43 -4.00
C LYS A 20 -2.13 2.24 -2.78
N VAL A 21 -2.70 3.41 -3.03
CA VAL A 21 -3.14 4.29 -1.94
C VAL A 21 -4.60 4.06 -1.61
N PHE A 22 -5.01 4.46 -0.41
CA PHE A 22 -6.39 4.31 0.03
C PHE A 22 -6.86 5.54 0.79
N SER A 23 -8.18 5.73 0.84
CA SER A 23 -8.76 6.88 1.52
C SER A 23 -8.91 6.59 3.02
N ARG A 24 -9.42 5.41 3.34
CA ARG A 24 -9.62 5.02 4.73
C ARG A 24 -8.90 3.70 5.03
N LYS A 25 -8.18 3.67 6.14
CA LYS A 25 -7.44 2.47 6.54
C LYS A 25 -8.23 1.21 6.21
N ASP A 26 -9.52 1.21 6.59
CA ASP A 26 -10.38 0.07 6.33
C ASP A 26 -10.10 -0.52 4.95
N GLN A 27 -10.23 0.31 3.93
CA GLN A 27 -9.99 -0.13 2.56
C GLN A 27 -8.60 -0.75 2.41
N LEU A 28 -7.64 -0.22 3.15
CA LEU A 28 -6.27 -0.72 3.11
C LEU A 28 -6.19 -2.12 3.71
N VAL A 29 -6.80 -2.30 4.87
CA VAL A 29 -6.80 -3.59 5.55
C VAL A 29 -7.24 -4.70 4.60
N SER A 30 -8.41 -4.56 4.02
CA SER A 30 -8.95 -5.55 3.09
C SER A 30 -7.93 -5.87 2.00
N HIS A 31 -7.14 -4.87 1.62
CA HIS A 31 -6.13 -5.05 0.59
C HIS A 31 -4.92 -5.83 1.12
N GLN A 32 -4.35 -5.34 2.22
CA GLN A 32 -3.20 -5.98 2.83
C GLN A 32 -3.50 -7.45 3.14
N LYS A 33 -4.79 -7.78 3.23
CA LYS A 33 -5.21 -9.14 3.52
C LYS A 33 -4.73 -10.11 2.43
N THR A 34 -4.68 -9.61 1.20
CA THR A 34 -4.25 -10.43 0.08
C THR A 34 -2.77 -10.18 -0.24
N HIS A 35 -1.99 -9.93 0.80
CA HIS A 35 -0.56 -9.68 0.63
C HIS A 35 0.26 -10.55 1.58
N SER A 36 1.47 -10.90 1.15
CA SER A 36 2.35 -11.74 1.96
C SER A 36 3.59 -10.97 2.38
N GLY A 37 3.55 -10.40 3.59
CA GLY A 37 4.68 -9.64 4.08
C GLY A 37 5.91 -10.50 4.30
N GLN A 38 7.08 -9.87 4.33
CA GLN A 38 8.33 -10.59 4.53
C GLN A 38 8.76 -10.55 6.00
N SER A 39 8.71 -9.36 6.59
CA SER A 39 9.09 -9.18 7.98
C SER A 39 7.87 -8.91 8.86
N GLY A 40 6.81 -9.67 8.63
CA GLY A 40 5.59 -9.49 9.41
C GLY A 40 5.79 -9.76 10.88
N PRO A 41 5.05 -9.03 11.73
CA PRO A 41 5.13 -9.18 13.19
C PRO A 41 4.56 -10.51 13.66
N SER A 42 5.44 -11.48 13.89
CA SER A 42 5.02 -12.80 14.34
C SER A 42 6.10 -13.45 15.21
N SER A 43 5.68 -13.97 16.35
CA SER A 43 6.61 -14.60 17.28
C SER A 43 5.93 -15.74 18.04
N GLY A 44 6.39 -16.97 17.79
CA GLY A 44 5.81 -18.12 18.47
C GLY A 44 4.30 -18.17 18.33
ZN ZN B . -0.83 -3.87 -2.36
N GLY A 1 18.28 15.16 -8.06
CA GLY A 1 17.87 13.80 -7.79
C GLY A 1 16.48 13.73 -7.20
N SER A 2 15.69 12.76 -7.68
CA SER A 2 14.31 12.60 -7.21
C SER A 2 14.29 11.72 -5.96
N SER A 3 13.12 11.67 -5.31
CA SER A 3 12.96 10.87 -4.10
C SER A 3 12.46 9.46 -4.44
N GLY A 4 11.38 9.39 -5.19
CA GLY A 4 10.82 8.10 -5.56
C GLY A 4 10.21 8.12 -6.95
N SER A 5 9.80 6.95 -7.44
CA SER A 5 9.21 6.83 -8.76
C SER A 5 7.72 7.17 -8.71
N SER A 6 7.38 8.24 -8.01
CA SER A 6 5.99 8.67 -7.88
C SER A 6 5.91 10.07 -7.27
N GLY A 7 5.25 10.97 -7.99
CA GLY A 7 5.10 12.34 -7.50
C GLY A 7 3.71 12.89 -7.74
N THR A 8 2.74 12.35 -7.02
CA THR A 8 1.36 12.80 -7.14
C THR A 8 0.80 13.26 -5.81
N GLY A 9 1.57 13.05 -4.75
CA GLY A 9 1.13 13.46 -3.42
C GLY A 9 1.51 12.45 -2.35
N GLU A 10 0.94 12.62 -1.16
CA GLU A 10 1.22 11.72 -0.05
C GLU A 10 -0.07 11.36 0.69
N ASN A 11 -0.34 10.07 0.79
CA ASN A 11 -1.54 9.59 1.48
C ASN A 11 -1.18 8.95 2.82
N PRO A 12 -2.12 9.00 3.78
CA PRO A 12 -1.93 8.43 5.10
C PRO A 12 -1.90 6.91 5.09
N TYR A 13 -2.44 6.33 4.01
CA TYR A 13 -2.48 4.88 3.88
C TYR A 13 -1.95 4.45 2.51
N GLU A 14 -0.76 3.86 2.50
CA GLU A 14 -0.15 3.40 1.26
C GLU A 14 0.33 1.96 1.39
N CYS A 15 0.02 1.15 0.38
CA CYS A 15 0.41 -0.25 0.37
C CYS A 15 1.78 -0.43 -0.26
N CYS A 16 2.83 -0.10 0.50
CA CYS A 16 4.20 -0.22 0.01
C CYS A 16 4.40 -1.55 -0.69
N GLU A 17 3.80 -2.60 -0.15
CA GLU A 17 3.91 -3.94 -0.73
C GLU A 17 3.92 -3.88 -2.26
N CYS A 18 2.82 -3.37 -2.82
CA CYS A 18 2.70 -3.25 -4.26
C CYS A 18 2.84 -1.80 -4.71
N GLY A 19 2.22 -0.90 -3.95
CA GLY A 19 2.28 0.51 -4.28
C GLY A 19 0.91 1.12 -4.47
N LYS A 20 -0.06 0.66 -3.69
CA LYS A 20 -1.42 1.17 -3.78
C LYS A 20 -1.68 2.23 -2.71
N VAL A 21 -2.87 2.83 -2.77
CA VAL A 21 -3.23 3.87 -1.81
C VAL A 21 -4.73 3.80 -1.47
N PHE A 22 -5.09 4.34 -0.31
CA PHE A 22 -6.48 4.34 0.13
C PHE A 22 -6.78 5.57 0.98
N SER A 23 -8.07 5.81 1.24
CA SER A 23 -8.49 6.95 2.03
C SER A 23 -8.61 6.57 3.50
N ARG A 24 -9.25 5.44 3.76
CA ARG A 24 -9.45 4.97 5.12
C ARG A 24 -8.78 3.61 5.33
N LYS A 25 -7.98 3.50 6.38
CA LYS A 25 -7.26 2.27 6.69
C LYS A 25 -8.13 1.06 6.33
N ASP A 26 -9.36 1.04 6.81
CA ASP A 26 -10.29 -0.05 6.54
C ASP A 26 -10.11 -0.56 5.11
N GLN A 27 -10.26 0.34 4.15
CA GLN A 27 -10.13 -0.01 2.73
C GLN A 27 -8.76 -0.63 2.46
N LEU A 28 -7.75 -0.18 3.20
CA LEU A 28 -6.39 -0.68 3.04
C LEU A 28 -6.27 -2.10 3.58
N VAL A 29 -6.75 -2.30 4.80
CA VAL A 29 -6.71 -3.61 5.43
C VAL A 29 -7.10 -4.71 4.45
N SER A 30 -8.30 -4.60 3.90
CA SER A 30 -8.81 -5.59 2.95
C SER A 30 -7.81 -5.78 1.81
N HIS A 31 -7.19 -4.70 1.37
CA HIS A 31 -6.22 -4.75 0.29
C HIS A 31 -4.96 -5.52 0.71
N GLN A 32 -4.46 -5.19 1.90
CA GLN A 32 -3.26 -5.85 2.41
C GLN A 32 -3.54 -7.31 2.74
N LYS A 33 -4.79 -7.62 3.04
CA LYS A 33 -5.20 -8.99 3.37
C LYS A 33 -4.93 -9.92 2.19
N THR A 34 -4.91 -9.36 0.99
CA THR A 34 -4.67 -10.14 -0.22
C THR A 34 -3.22 -10.01 -0.69
N HIS A 35 -2.32 -9.81 0.26
CA HIS A 35 -0.90 -9.67 -0.06
C HIS A 35 -0.06 -10.65 0.76
N SER A 36 1.08 -11.05 0.19
CA SER A 36 1.97 -11.99 0.87
C SER A 36 1.24 -13.30 1.18
N GLY A 37 0.39 -13.73 0.25
CA GLY A 37 -0.35 -14.96 0.45
C GLY A 37 -0.16 -15.94 -0.68
N GLN A 38 -0.23 -17.23 -0.38
CA GLN A 38 -0.06 -18.27 -1.38
C GLN A 38 1.22 -18.06 -2.18
N SER A 39 2.30 -17.76 -1.46
CA SER A 39 3.60 -17.53 -2.09
C SER A 39 4.45 -18.80 -2.07
N GLY A 40 3.80 -19.95 -2.24
CA GLY A 40 4.52 -21.21 -2.22
C GLY A 40 4.02 -22.15 -1.14
N PRO A 41 4.04 -23.45 -1.43
CA PRO A 41 3.59 -24.48 -0.48
C PRO A 41 4.53 -24.63 0.71
N SER A 42 5.66 -23.94 0.66
CA SER A 42 6.65 -23.99 1.73
C SER A 42 6.03 -23.57 3.05
N SER A 43 5.31 -22.45 3.04
CA SER A 43 4.67 -21.95 4.24
C SER A 43 3.17 -21.75 4.02
N GLY A 44 2.42 -21.73 5.12
CA GLY A 44 0.97 -21.56 5.02
C GLY A 44 0.52 -20.22 5.54
ZN ZN B . -1.06 -3.79 -2.25
N GLY A 1 8.23 20.18 -13.46
CA GLY A 1 7.13 19.80 -12.60
C GLY A 1 7.27 20.37 -11.20
N SER A 2 7.06 19.52 -10.19
CA SER A 2 7.16 19.96 -8.80
C SER A 2 6.15 21.07 -8.51
N SER A 3 4.94 20.93 -9.02
CA SER A 3 3.90 21.93 -8.82
C SER A 3 3.44 21.94 -7.37
N GLY A 4 3.50 23.11 -6.74
CA GLY A 4 3.08 23.24 -5.36
C GLY A 4 1.81 22.48 -5.06
N SER A 5 1.95 21.29 -4.50
CA SER A 5 0.80 20.45 -4.17
C SER A 5 0.13 20.94 -2.89
N SER A 6 -0.94 21.71 -3.05
CA SER A 6 -1.67 22.24 -1.91
C SER A 6 -2.60 21.18 -1.31
N GLY A 7 -2.42 20.90 -0.03
CA GLY A 7 -3.24 19.92 0.64
C GLY A 7 -2.46 19.09 1.65
N THR A 8 -3.09 18.04 2.18
CA THR A 8 -2.45 17.18 3.16
C THR A 8 -1.23 16.48 2.57
N GLY A 9 -1.39 15.96 1.35
CA GLY A 9 -0.29 15.27 0.69
C GLY A 9 -0.50 13.77 0.65
N GLU A 10 0.61 13.03 0.65
CA GLU A 10 0.56 11.57 0.61
C GLU A 10 -0.36 11.03 1.70
N ASN A 11 -1.18 10.05 1.35
CA ASN A 11 -2.11 9.44 2.29
C ASN A 11 -1.39 8.44 3.20
N PRO A 12 -1.82 8.39 4.47
CA PRO A 12 -1.23 7.48 5.45
C PRO A 12 -1.57 6.02 5.18
N TYR A 13 -2.39 5.79 4.15
CA TYR A 13 -2.79 4.44 3.77
C TYR A 13 -2.21 4.05 2.42
N GLU A 14 -0.92 3.71 2.40
CA GLU A 14 -0.25 3.32 1.17
C GLU A 14 0.27 1.90 1.26
N CYS A 15 -0.09 1.08 0.28
CA CYS A 15 0.34 -0.32 0.25
C CYS A 15 1.81 -0.43 -0.15
N CYS A 16 2.66 -0.71 0.84
CA CYS A 16 4.09 -0.84 0.59
C CYS A 16 4.44 -2.25 0.13
N GLU A 17 3.57 -2.82 -0.69
CA GLU A 17 3.79 -4.18 -1.20
C GLU A 17 3.69 -4.21 -2.72
N CYS A 18 2.65 -3.56 -3.25
CA CYS A 18 2.45 -3.50 -4.70
C CYS A 18 2.51 -2.07 -5.20
N GLY A 19 1.91 -1.15 -4.45
CA GLY A 19 1.92 0.25 -4.84
C GLY A 19 0.52 0.78 -5.11
N LYS A 20 -0.26 0.93 -4.04
CA LYS A 20 -1.63 1.44 -4.17
C LYS A 20 -2.04 2.22 -2.92
N VAL A 21 -2.57 3.41 -3.13
CA VAL A 21 -3.00 4.25 -2.02
C VAL A 21 -4.51 4.14 -1.79
N PHE A 22 -4.95 4.48 -0.58
CA PHE A 22 -6.36 4.41 -0.24
C PHE A 22 -6.81 5.69 0.46
N SER A 23 -8.12 5.82 0.67
CA SER A 23 -8.67 7.00 1.33
C SER A 23 -8.86 6.74 2.83
N ARG A 24 -9.24 5.52 3.17
CA ARG A 24 -9.46 5.15 4.56
C ARG A 24 -8.69 3.87 4.92
N LYS A 25 -8.09 3.86 6.10
CA LYS A 25 -7.33 2.71 6.54
C LYS A 25 -8.09 1.41 6.29
N ASP A 26 -9.35 1.38 6.71
CA ASP A 26 -10.19 0.20 6.52
C ASP A 26 -10.02 -0.37 5.12
N GLN A 27 -10.09 0.51 4.12
CA GLN A 27 -9.95 0.09 2.72
C GLN A 27 -8.56 -0.47 2.47
N LEU A 28 -7.59 0.00 3.23
CA LEU A 28 -6.20 -0.46 3.09
C LEU A 28 -6.02 -1.84 3.70
N VAL A 29 -6.62 -2.04 4.87
CA VAL A 29 -6.52 -3.32 5.57
C VAL A 29 -7.05 -4.46 4.70
N SER A 30 -8.28 -4.30 4.23
CA SER A 30 -8.92 -5.32 3.40
C SER A 30 -8.03 -5.66 2.20
N HIS A 31 -7.31 -4.66 1.69
CA HIS A 31 -6.42 -4.85 0.56
C HIS A 31 -5.15 -5.58 0.98
N GLN A 32 -4.36 -4.94 1.83
CA GLN A 32 -3.11 -5.53 2.30
C GLN A 32 -3.27 -7.02 2.52
N LYS A 33 -4.38 -7.42 3.13
CA LYS A 33 -4.64 -8.83 3.39
C LYS A 33 -4.18 -9.70 2.23
N THR A 34 -4.55 -9.30 1.02
CA THR A 34 -4.18 -10.04 -0.18
C THR A 34 -2.69 -10.39 -0.17
N HIS A 35 -1.86 -9.42 0.19
CA HIS A 35 -0.42 -9.62 0.25
C HIS A 35 -0.02 -10.28 1.56
N SER A 36 -0.04 -11.62 1.58
CA SER A 36 0.32 -12.38 2.78
C SER A 36 1.18 -13.57 2.42
N GLY A 37 2.01 -14.00 3.36
CA GLY A 37 2.88 -15.14 3.13
C GLY A 37 3.91 -14.88 2.05
N GLN A 38 5.14 -14.62 2.47
CA GLN A 38 6.22 -14.34 1.53
C GLN A 38 6.17 -15.31 0.35
N SER A 39 5.80 -14.78 -0.82
CA SER A 39 5.71 -15.60 -2.03
C SER A 39 7.00 -16.36 -2.26
N GLY A 40 7.00 -17.65 -1.90
CA GLY A 40 8.18 -18.47 -2.08
C GLY A 40 8.32 -18.98 -3.51
N PRO A 41 9.13 -20.03 -3.69
CA PRO A 41 9.38 -20.63 -5.00
C PRO A 41 8.15 -21.37 -5.53
N SER A 42 7.28 -20.63 -6.21
CA SER A 42 6.05 -21.22 -6.77
C SER A 42 6.39 -22.25 -7.84
N SER A 43 5.95 -23.48 -7.63
CA SER A 43 6.20 -24.56 -8.57
C SER A 43 6.00 -24.08 -10.01
N GLY A 44 4.82 -23.54 -10.27
CA GLY A 44 4.52 -23.05 -11.61
C GLY A 44 4.87 -21.58 -11.78
ZN ZN B . -1.19 -3.90 -2.48
N GLY A 1 14.96 9.71 -7.81
CA GLY A 1 14.53 10.83 -8.61
C GLY A 1 13.99 10.40 -9.96
N SER A 2 12.71 10.06 -9.99
CA SER A 2 12.07 9.61 -11.23
C SER A 2 10.71 10.29 -11.41
N SER A 3 10.64 11.23 -12.35
CA SER A 3 9.40 11.94 -12.62
C SER A 3 8.53 11.18 -13.60
N GLY A 4 7.25 11.00 -13.25
CA GLY A 4 6.34 10.28 -14.12
C GLY A 4 5.10 9.81 -13.38
N SER A 5 5.29 9.26 -12.19
CA SER A 5 4.17 8.78 -11.39
C SER A 5 4.03 9.58 -10.11
N SER A 6 5.13 9.70 -9.37
CA SER A 6 5.13 10.45 -8.12
C SER A 6 5.13 11.95 -8.37
N GLY A 7 4.85 12.72 -7.32
CA GLY A 7 4.82 14.17 -7.46
C GLY A 7 4.83 14.88 -6.12
N THR A 8 3.85 15.74 -5.90
CA THR A 8 3.76 16.49 -4.64
C THR A 8 2.57 16.03 -3.82
N GLY A 9 2.84 15.48 -2.64
CA GLY A 9 1.78 15.01 -1.77
C GLY A 9 1.97 13.57 -1.36
N GLU A 10 1.07 13.07 -0.52
CA GLU A 10 1.14 11.69 -0.04
C GLU A 10 -0.07 11.34 0.81
N ASN A 11 -0.68 10.19 0.52
CA ASN A 11 -1.86 9.74 1.26
C ASN A 11 -1.46 9.15 2.61
N PRO A 12 -2.38 9.21 3.58
CA PRO A 12 -2.15 8.68 4.93
C PRO A 12 -2.10 7.16 4.95
N TYR A 13 -2.52 6.54 3.85
CA TYR A 13 -2.51 5.09 3.75
C TYR A 13 -2.07 4.64 2.36
N GLU A 14 -0.91 4.00 2.29
CA GLU A 14 -0.38 3.51 1.02
C GLU A 14 0.24 2.14 1.17
N CYS A 15 -0.44 1.12 0.62
CA CYS A 15 0.04 -0.25 0.71
C CYS A 15 1.55 -0.31 0.46
N CYS A 16 2.29 -0.83 1.43
CA CYS A 16 3.74 -0.96 1.31
C CYS A 16 4.13 -2.35 0.85
N GLU A 17 3.39 -2.88 -0.13
CA GLU A 17 3.66 -4.21 -0.66
C GLU A 17 3.73 -4.18 -2.18
N CYS A 18 2.75 -3.53 -2.80
CA CYS A 18 2.69 -3.42 -4.25
C CYS A 18 2.81 -1.98 -4.70
N GLY A 19 2.07 -1.09 -4.03
CA GLY A 19 2.11 0.31 -4.37
C GLY A 19 0.73 0.90 -4.60
N LYS A 20 -0.18 0.61 -3.69
CA LYS A 20 -1.55 1.11 -3.79
C LYS A 20 -1.82 2.18 -2.73
N VAL A 21 -2.95 2.87 -2.88
CA VAL A 21 -3.32 3.92 -1.93
C VAL A 21 -4.81 3.84 -1.59
N PHE A 22 -5.17 4.39 -0.43
CA PHE A 22 -6.55 4.37 0.02
C PHE A 22 -6.86 5.62 0.85
N SER A 23 -8.13 5.77 1.22
CA SER A 23 -8.57 6.93 2.01
C SER A 23 -8.59 6.59 3.50
N ARG A 24 -9.16 5.44 3.82
CA ARG A 24 -9.26 5.00 5.21
C ARG A 24 -8.53 3.67 5.41
N LYS A 25 -7.71 3.60 6.45
CA LYS A 25 -6.96 2.38 6.76
C LYS A 25 -7.79 1.14 6.43
N ASP A 26 -9.03 1.11 6.91
CA ASP A 26 -9.91 -0.01 6.66
C ASP A 26 -9.75 -0.54 5.25
N GLN A 27 -10.00 0.32 4.26
CA GLN A 27 -9.88 -0.05 2.86
C GLN A 27 -8.50 -0.62 2.57
N LEU A 28 -7.49 -0.08 3.24
CA LEU A 28 -6.12 -0.52 3.04
C LEU A 28 -5.92 -1.93 3.62
N VAL A 29 -6.51 -2.18 4.78
CA VAL A 29 -6.40 -3.47 5.43
C VAL A 29 -7.03 -4.57 4.58
N SER A 30 -8.19 -4.28 4.01
CA SER A 30 -8.90 -5.24 3.16
C SER A 30 -8.11 -5.54 1.90
N HIS A 31 -7.20 -4.63 1.56
CA HIS A 31 -6.37 -4.78 0.35
C HIS A 31 -5.09 -5.54 0.67
N GLN A 32 -4.33 -5.01 1.64
CA GLN A 32 -3.08 -5.63 2.03
C GLN A 32 -3.24 -7.14 2.23
N LYS A 33 -4.48 -7.56 2.48
CA LYS A 33 -4.78 -8.96 2.69
C LYS A 33 -4.34 -9.80 1.49
N THR A 34 -4.71 -9.35 0.29
CA THR A 34 -4.36 -10.04 -0.92
C THR A 34 -2.92 -10.56 -0.88
N HIS A 35 -2.06 -9.84 -0.15
CA HIS A 35 -0.67 -10.23 -0.02
C HIS A 35 -0.46 -11.12 1.19
N SER A 36 -1.41 -12.05 1.40
CA SER A 36 -1.33 -12.97 2.53
C SER A 36 -2.26 -14.16 2.32
N GLY A 37 -1.67 -15.34 2.18
CA GLY A 37 -2.45 -16.54 1.98
C GLY A 37 -1.63 -17.81 2.16
N GLN A 38 -1.51 -18.58 1.09
CA GLN A 38 -0.75 -19.83 1.14
C GLN A 38 0.23 -19.92 -0.03
N SER A 39 1.52 -19.95 0.28
CA SER A 39 2.55 -20.04 -0.75
C SER A 39 3.57 -21.12 -0.41
N GLY A 40 3.62 -22.15 -1.23
CA GLY A 40 4.57 -23.23 -1.00
C GLY A 40 4.30 -24.43 -1.88
N PRO A 41 3.55 -25.41 -1.35
CA PRO A 41 3.20 -26.63 -2.07
C PRO A 41 2.22 -26.37 -3.21
N SER A 42 1.25 -25.49 -2.97
CA SER A 42 0.26 -25.16 -3.98
C SER A 42 0.90 -24.50 -5.19
N SER A 43 1.76 -23.51 -4.94
CA SER A 43 2.44 -22.81 -6.02
C SER A 43 3.83 -23.39 -6.25
N GLY A 44 4.70 -23.26 -5.24
CA GLY A 44 6.05 -23.78 -5.35
C GLY A 44 7.08 -22.81 -4.80
ZN ZN B . -0.93 -4.04 -2.25
N GLY A 1 18.60 13.26 -12.45
CA GLY A 1 17.69 12.66 -13.41
C GLY A 1 16.34 13.36 -13.43
N SER A 2 15.34 12.70 -13.99
CA SER A 2 14.00 13.26 -14.08
C SER A 2 13.25 13.09 -12.76
N SER A 3 13.16 14.17 -12.00
CA SER A 3 12.48 14.14 -10.70
C SER A 3 11.09 13.52 -10.84
N GLY A 4 10.35 13.95 -11.86
CA GLY A 4 9.02 13.43 -12.10
C GLY A 4 8.26 13.20 -10.80
N SER A 5 7.54 14.23 -10.35
CA SER A 5 6.78 14.15 -9.11
C SER A 5 5.65 13.10 -9.24
N SER A 6 5.85 11.96 -8.60
CA SER A 6 4.86 10.89 -8.65
C SER A 6 3.89 11.00 -7.47
N GLY A 7 4.44 10.93 -6.25
CA GLY A 7 3.61 11.02 -5.06
C GLY A 7 3.19 12.44 -4.75
N THR A 8 1.89 12.65 -4.56
CA THR A 8 1.37 13.98 -4.25
C THR A 8 0.08 13.88 -3.45
N GLY A 9 0.00 14.66 -2.37
CA GLY A 9 -1.19 14.65 -1.53
C GLY A 9 -0.97 13.89 -0.24
N GLU A 10 -1.85 14.11 0.73
CA GLU A 10 -1.75 13.44 2.02
C GLU A 10 -2.29 12.02 1.95
N ASN A 11 -1.38 11.06 1.74
CA ASN A 11 -1.77 9.66 1.64
C ASN A 11 -1.04 8.83 2.69
N PRO A 12 -1.57 8.86 3.93
CA PRO A 12 -0.98 8.10 5.04
C PRO A 12 -1.17 6.60 4.89
N TYR A 13 -1.91 6.20 3.86
CA TYR A 13 -2.16 4.79 3.61
C TYR A 13 -1.65 4.38 2.23
N GLU A 14 -0.42 3.90 2.17
CA GLU A 14 0.18 3.48 0.92
C GLU A 14 0.68 2.04 1.01
N CYS A 15 -0.06 1.12 0.38
CA CYS A 15 0.29 -0.29 0.39
C CYS A 15 1.69 -0.50 -0.19
N CYS A 16 2.63 -0.85 0.68
CA CYS A 16 4.01 -1.09 0.26
C CYS A 16 4.12 -2.36 -0.57
N GLU A 17 3.35 -3.39 -0.17
CA GLU A 17 3.36 -4.66 -0.87
C GLU A 17 3.41 -4.46 -2.39
N CYS A 18 2.37 -3.81 -2.92
CA CYS A 18 2.29 -3.54 -4.35
C CYS A 18 2.69 -2.11 -4.66
N GLY A 19 2.24 -1.17 -3.82
CA GLY A 19 2.56 0.23 -4.03
C GLY A 19 1.34 1.05 -4.39
N LYS A 20 0.20 0.72 -3.79
CA LYS A 20 -1.05 1.43 -4.05
C LYS A 20 -1.37 2.40 -2.92
N VAL A 21 -2.49 3.09 -3.03
CA VAL A 21 -2.92 4.05 -2.01
C VAL A 21 -4.40 3.89 -1.69
N PHE A 22 -4.79 4.36 -0.52
CA PHE A 22 -6.18 4.27 -0.09
C PHE A 22 -6.60 5.53 0.67
N SER A 23 -7.90 5.84 0.63
CA SER A 23 -8.42 7.01 1.31
C SER A 23 -8.57 6.76 2.81
N ARG A 24 -9.03 5.57 3.16
CA ARG A 24 -9.22 5.20 4.57
C ARG A 24 -8.49 3.90 4.89
N LYS A 25 -7.64 3.94 5.90
CA LYS A 25 -6.88 2.77 6.31
C LYS A 25 -7.69 1.49 6.12
N ASP A 26 -8.94 1.52 6.58
CA ASP A 26 -9.83 0.37 6.45
C ASP A 26 -9.69 -0.27 5.08
N GLN A 27 -9.91 0.53 4.03
CA GLN A 27 -9.82 0.04 2.66
C GLN A 27 -8.48 -0.63 2.41
N LEU A 28 -7.45 -0.15 3.11
CA LEU A 28 -6.10 -0.71 2.96
C LEU A 28 -5.99 -2.07 3.63
N VAL A 29 -6.41 -2.14 4.89
CA VAL A 29 -6.37 -3.38 5.65
C VAL A 29 -7.01 -4.52 4.87
N SER A 30 -8.21 -4.29 4.35
CA SER A 30 -8.91 -5.30 3.58
C SER A 30 -8.09 -5.74 2.38
N HIS A 31 -7.44 -4.78 1.72
CA HIS A 31 -6.63 -5.07 0.55
C HIS A 31 -5.39 -5.87 0.95
N GLN A 32 -4.54 -5.28 1.78
CA GLN A 32 -3.31 -5.93 2.22
C GLN A 32 -3.53 -7.43 2.38
N LYS A 33 -4.60 -7.80 3.08
CA LYS A 33 -4.92 -9.20 3.30
C LYS A 33 -4.56 -10.04 2.08
N THR A 34 -4.99 -9.59 0.90
CA THR A 34 -4.71 -10.30 -0.34
C THR A 34 -3.25 -10.72 -0.41
N HIS A 35 -2.35 -9.81 -0.07
CA HIS A 35 -0.92 -10.10 -0.09
C HIS A 35 -0.54 -11.08 1.01
N SER A 36 0.70 -11.57 0.96
CA SER A 36 1.18 -12.52 1.95
C SER A 36 2.14 -11.85 2.92
N GLY A 37 2.57 -12.59 3.94
CA GLY A 37 3.49 -12.05 4.92
C GLY A 37 4.82 -11.66 4.31
N GLN A 38 5.37 -10.54 4.77
CA GLN A 38 6.64 -10.05 4.26
C GLN A 38 7.63 -9.81 5.40
N SER A 39 8.83 -10.36 5.27
CA SER A 39 9.85 -10.21 6.29
C SER A 39 10.69 -8.96 6.04
N GLY A 40 11.43 -8.96 4.94
CA GLY A 40 12.26 -7.82 4.60
C GLY A 40 12.03 -7.33 3.19
N PRO A 41 12.14 -6.01 3.00
CA PRO A 41 11.95 -5.38 1.68
C PRO A 41 13.06 -5.72 0.71
N SER A 42 12.69 -6.27 -0.45
CA SER A 42 13.66 -6.64 -1.47
C SER A 42 14.72 -5.55 -1.63
N SER A 43 15.94 -5.85 -1.19
CA SER A 43 17.04 -4.89 -1.30
C SER A 43 18.18 -5.47 -2.13
N GLY A 44 19.07 -4.59 -2.58
CA GLY A 44 20.20 -5.02 -3.38
C GLY A 44 20.88 -3.87 -4.11
ZN ZN B . -1.13 -3.96 -2.14
N GLY A 1 17.59 20.09 -14.23
CA GLY A 1 16.38 20.00 -13.42
C GLY A 1 15.49 18.85 -13.83
N SER A 2 15.05 18.06 -12.87
CA SER A 2 14.19 16.90 -13.15
C SER A 2 12.72 17.30 -13.08
N SER A 3 12.36 18.34 -13.82
CA SER A 3 10.99 18.83 -13.85
C SER A 3 10.30 18.45 -15.15
N GLY A 4 9.32 17.56 -15.07
CA GLY A 4 8.60 17.12 -16.24
C GLY A 4 7.16 16.74 -15.94
N SER A 5 6.99 15.89 -14.93
CA SER A 5 5.65 15.44 -14.54
C SER A 5 5.68 14.78 -13.17
N SER A 6 4.82 15.27 -12.27
CA SER A 6 4.75 14.73 -10.91
C SER A 6 3.33 14.79 -10.38
N GLY A 7 2.93 13.77 -9.64
CA GLY A 7 1.59 13.73 -9.07
C GLY A 7 1.52 14.41 -7.71
N THR A 8 0.30 14.53 -7.19
CA THR A 8 0.10 15.17 -5.89
C THR A 8 -0.95 14.42 -5.07
N GLY A 9 -0.59 14.05 -3.85
CA GLY A 9 -1.52 13.34 -2.99
C GLY A 9 -0.82 12.31 -2.12
N GLU A 10 -0.35 12.75 -0.95
CA GLU A 10 0.34 11.86 -0.03
C GLU A 10 -0.60 11.39 1.08
N ASN A 11 -1.28 10.27 0.82
CA ASN A 11 -2.22 9.72 1.80
C ASN A 11 -1.47 8.96 2.90
N PRO A 12 -2.07 8.93 4.10
CA PRO A 12 -1.47 8.24 5.26
C PRO A 12 -1.50 6.73 5.10
N TYR A 13 -2.13 6.25 4.03
CA TYR A 13 -2.23 4.83 3.76
C TYR A 13 -1.71 4.49 2.37
N GLU A 14 -0.43 4.12 2.29
CA GLU A 14 0.19 3.77 1.02
C GLU A 14 0.86 2.40 1.10
N CYS A 15 0.12 1.37 0.70
CA CYS A 15 0.63 0.00 0.72
C CYS A 15 2.06 -0.04 0.19
N CYS A 16 2.89 -0.89 0.81
CA CYS A 16 4.28 -1.03 0.39
C CYS A 16 4.47 -2.28 -0.45
N GLU A 17 3.65 -3.29 -0.20
CA GLU A 17 3.73 -4.54 -0.94
C GLU A 17 3.67 -4.29 -2.45
N CYS A 18 2.57 -3.68 -2.89
CA CYS A 18 2.38 -3.39 -4.31
C CYS A 18 2.59 -1.90 -4.58
N GLY A 19 2.01 -1.05 -3.74
CA GLY A 19 2.14 0.38 -3.90
C GLY A 19 0.83 1.06 -4.19
N LYS A 20 -0.24 0.54 -3.60
CA LYS A 20 -1.58 1.11 -3.79
C LYS A 20 -1.94 2.06 -2.65
N VAL A 21 -2.66 3.12 -2.99
CA VAL A 21 -3.06 4.11 -1.99
C VAL A 21 -4.53 3.94 -1.63
N PHE A 22 -4.95 4.57 -0.53
CA PHE A 22 -6.33 4.49 -0.08
C PHE A 22 -6.73 5.74 0.69
N SER A 23 -8.02 5.86 1.00
CA SER A 23 -8.52 7.01 1.73
C SER A 23 -8.62 6.71 3.22
N ARG A 24 -9.16 5.54 3.55
CA ARG A 24 -9.32 5.13 4.93
C ARG A 24 -8.62 3.80 5.20
N LYS A 25 -7.86 3.74 6.29
CA LYS A 25 -7.13 2.53 6.65
C LYS A 25 -7.98 1.29 6.40
N ASP A 26 -9.24 1.34 6.82
CA ASP A 26 -10.15 0.22 6.63
C ASP A 26 -10.00 -0.37 5.23
N GLN A 27 -10.20 0.47 4.22
CA GLN A 27 -10.08 0.02 2.83
C GLN A 27 -8.73 -0.63 2.58
N LEU A 28 -7.71 -0.14 3.25
CA LEU A 28 -6.36 -0.69 3.10
C LEU A 28 -6.26 -2.08 3.70
N VAL A 29 -6.70 -2.20 4.95
CA VAL A 29 -6.65 -3.49 5.65
C VAL A 29 -7.16 -4.61 4.76
N SER A 30 -8.35 -4.41 4.18
CA SER A 30 -8.95 -5.41 3.30
C SER A 30 -8.02 -5.76 2.15
N HIS A 31 -7.46 -4.73 1.52
CA HIS A 31 -6.54 -4.92 0.39
C HIS A 31 -5.30 -5.70 0.84
N GLN A 32 -4.58 -5.15 1.81
CA GLN A 32 -3.37 -5.79 2.32
C GLN A 32 -3.53 -7.31 2.36
N LYS A 33 -4.77 -7.76 2.52
CA LYS A 33 -5.06 -9.19 2.57
C LYS A 33 -4.42 -9.91 1.39
N THR A 34 -4.63 -9.39 0.20
CA THR A 34 -4.08 -9.99 -1.01
C THR A 34 -2.61 -10.34 -0.83
N HIS A 35 -1.96 -9.65 0.10
CA HIS A 35 -0.54 -9.90 0.38
C HIS A 35 -0.38 -10.81 1.60
N SER A 36 0.30 -11.94 1.40
CA SER A 36 0.52 -12.90 2.47
C SER A 36 1.54 -13.95 2.05
N GLY A 37 2.64 -14.03 2.80
CA GLY A 37 3.68 -15.00 2.50
C GLY A 37 4.98 -14.68 3.19
N GLN A 38 4.99 -14.76 4.52
CA GLN A 38 6.18 -14.48 5.30
C GLN A 38 7.42 -15.05 4.63
N SER A 39 7.37 -16.34 4.31
CA SER A 39 8.50 -17.00 3.65
C SER A 39 9.08 -16.13 2.54
N GLY A 40 10.26 -16.51 2.06
CA GLY A 40 10.89 -15.75 0.99
C GLY A 40 11.85 -14.70 1.53
N PRO A 41 13.08 -15.12 1.84
CA PRO A 41 14.12 -14.23 2.37
C PRO A 41 14.62 -13.24 1.32
N SER A 42 14.02 -12.05 1.31
CA SER A 42 14.39 -11.01 0.36
C SER A 42 14.85 -9.75 1.08
N SER A 43 16.17 -9.58 1.18
CA SER A 43 16.73 -8.41 1.86
C SER A 43 17.76 -7.72 0.97
N GLY A 44 17.83 -6.39 1.08
CA GLY A 44 18.78 -5.64 0.29
C GLY A 44 19.96 -5.14 1.10
ZN ZN B . -0.85 -3.88 -1.84
N GLY A 1 15.11 6.90 -16.72
CA GLY A 1 14.04 6.48 -15.84
C GLY A 1 12.68 6.55 -16.52
N SER A 2 11.83 5.56 -16.25
CA SER A 2 10.50 5.52 -16.84
C SER A 2 9.45 6.02 -15.86
N SER A 3 8.32 6.49 -16.40
CA SER A 3 7.24 7.00 -15.57
C SER A 3 7.06 6.15 -14.32
N GLY A 4 6.61 6.79 -13.23
CA GLY A 4 6.41 6.08 -11.98
C GLY A 4 5.36 6.73 -11.12
N SER A 5 5.77 7.20 -9.95
CA SER A 5 4.84 7.85 -9.01
C SER A 5 5.19 9.32 -8.84
N SER A 6 4.37 10.19 -9.41
CA SER A 6 4.60 11.63 -9.32
C SER A 6 3.28 12.37 -9.09
N GLY A 7 3.32 13.36 -8.19
CA GLY A 7 2.12 14.12 -7.90
C GLY A 7 1.80 14.16 -6.41
N THR A 8 1.27 15.29 -5.95
CA THR A 8 0.92 15.44 -4.54
C THR A 8 0.05 14.29 -4.06
N GLY A 9 -0.13 14.20 -2.74
CA GLY A 9 -0.94 13.14 -2.17
C GLY A 9 -0.55 12.82 -0.74
N GLU A 10 0.66 12.35 -0.54
CA GLU A 10 1.15 12.00 0.78
C GLU A 10 0.02 11.45 1.64
N ASN A 11 -0.67 10.44 1.14
CA ASN A 11 -1.78 9.81 1.85
C ASN A 11 -1.27 8.99 3.03
N PRO A 12 -2.04 8.97 4.12
CA PRO A 12 -1.68 8.23 5.33
C PRO A 12 -1.78 6.72 5.13
N TYR A 13 -2.29 6.32 3.97
CA TYR A 13 -2.45 4.90 3.66
C TYR A 13 -1.91 4.59 2.26
N GLU A 14 -0.71 4.02 2.20
CA GLU A 14 -0.09 3.68 0.93
C GLU A 14 0.49 2.27 0.97
N CYS A 15 -0.29 1.30 0.49
CA CYS A 15 0.14 -0.09 0.47
C CYS A 15 1.62 -0.20 0.13
N CYS A 16 2.44 -0.44 1.14
CA CYS A 16 3.89 -0.57 0.94
C CYS A 16 4.25 -1.98 0.51
N GLU A 17 3.44 -2.56 -0.38
CA GLU A 17 3.69 -3.90 -0.87
C GLU A 17 3.70 -3.93 -2.41
N CYS A 18 2.71 -3.27 -3.01
CA CYS A 18 2.61 -3.23 -4.46
C CYS A 18 2.70 -1.79 -4.96
N GLY A 19 1.94 -0.90 -4.33
CA GLY A 19 1.95 0.50 -4.72
C GLY A 19 0.55 1.03 -4.99
N LYS A 20 -0.31 0.98 -3.99
CA LYS A 20 -1.69 1.45 -4.13
C LYS A 20 -2.10 2.26 -2.91
N VAL A 21 -2.59 3.47 -3.14
CA VAL A 21 -3.05 4.34 -2.06
C VAL A 21 -4.51 4.12 -1.75
N PHE A 22 -4.91 4.47 -0.53
CA PHE A 22 -6.31 4.31 -0.10
C PHE A 22 -6.78 5.55 0.65
N SER A 23 -8.10 5.67 0.79
CA SER A 23 -8.70 6.80 1.49
C SER A 23 -8.72 6.57 3.00
N ARG A 24 -9.17 5.38 3.39
CA ARG A 24 -9.25 5.02 4.80
C ARG A 24 -8.56 3.69 5.07
N LYS A 25 -7.73 3.66 6.11
CA LYS A 25 -7.01 2.44 6.47
C LYS A 25 -7.86 1.20 6.21
N ASP A 26 -9.08 1.19 6.73
CA ASP A 26 -9.99 0.07 6.55
C ASP A 26 -9.84 -0.53 5.16
N GLN A 27 -10.04 0.30 4.14
CA GLN A 27 -9.93 -0.15 2.75
C GLN A 27 -8.56 -0.77 2.50
N LEU A 28 -7.53 -0.21 3.13
CA LEU A 28 -6.17 -0.70 2.97
C LEU A 28 -6.01 -2.08 3.60
N VAL A 29 -6.60 -2.25 4.78
CA VAL A 29 -6.52 -3.52 5.48
C VAL A 29 -7.14 -4.65 4.66
N SER A 30 -8.29 -4.37 4.06
CA SER A 30 -8.99 -5.37 3.24
C SER A 30 -8.15 -5.77 2.04
N HIS A 31 -7.19 -4.91 1.68
CA HIS A 31 -6.31 -5.19 0.55
C HIS A 31 -5.05 -5.91 1.00
N GLN A 32 -4.40 -5.36 2.03
CA GLN A 32 -3.17 -5.95 2.56
C GLN A 32 -3.37 -7.43 2.86
N LYS A 33 -4.62 -7.84 3.04
CA LYS A 33 -4.95 -9.22 3.34
C LYS A 33 -4.64 -10.13 2.15
N THR A 34 -4.90 -9.63 0.95
CA THR A 34 -4.64 -10.39 -0.27
C THR A 34 -3.15 -10.61 -0.47
N HIS A 35 -2.33 -9.75 0.15
CA HIS A 35 -0.89 -9.86 0.05
C HIS A 35 -0.34 -10.92 1.01
N SER A 36 0.25 -11.97 0.46
CA SER A 36 0.81 -13.04 1.27
C SER A 36 2.05 -12.56 2.02
N GLY A 37 3.12 -12.28 1.27
CA GLY A 37 4.34 -11.82 1.89
C GLY A 37 5.58 -12.34 1.17
N GLN A 38 5.45 -13.48 0.51
CA GLN A 38 6.55 -14.09 -0.22
C GLN A 38 6.62 -13.55 -1.64
N SER A 39 6.60 -12.23 -1.77
CA SER A 39 6.66 -11.59 -3.09
C SER A 39 7.86 -10.66 -3.20
N GLY A 40 9.00 -11.23 -3.58
CA GLY A 40 10.21 -10.45 -3.72
C GLY A 40 11.24 -11.10 -4.62
N PRO A 41 12.12 -11.92 -4.03
CA PRO A 41 13.16 -12.63 -4.77
C PRO A 41 12.60 -13.72 -5.66
N SER A 42 12.25 -13.35 -6.89
CA SER A 42 11.70 -14.31 -7.84
C SER A 42 12.74 -14.71 -8.88
N SER A 43 13.97 -14.94 -8.42
CA SER A 43 15.06 -15.32 -9.31
C SER A 43 14.84 -16.72 -9.88
N GLY A 44 15.00 -16.86 -11.18
CA GLY A 44 14.82 -18.15 -11.83
C GLY A 44 15.84 -18.41 -12.91
ZN ZN B . -0.93 -3.82 -2.42
N GLY A 1 18.03 11.24 -8.60
CA GLY A 1 17.40 11.48 -7.32
C GLY A 1 16.46 10.38 -6.91
N SER A 2 17.01 9.22 -6.56
CA SER A 2 16.20 8.08 -6.16
C SER A 2 15.32 8.43 -4.96
N SER A 3 15.92 9.11 -3.98
CA SER A 3 15.19 9.50 -2.78
C SER A 3 14.81 10.97 -2.83
N GLY A 4 13.70 11.27 -3.52
CA GLY A 4 13.25 12.64 -3.63
C GLY A 4 12.06 12.93 -2.75
N SER A 5 10.93 12.30 -3.05
CA SER A 5 9.71 12.50 -2.27
C SER A 5 9.29 13.96 -2.30
N SER A 6 9.38 14.58 -3.47
CA SER A 6 9.00 15.98 -3.63
C SER A 6 7.80 16.33 -2.76
N GLY A 7 6.77 15.50 -2.82
CA GLY A 7 5.58 15.74 -2.03
C GLY A 7 4.43 16.24 -2.86
N THR A 8 3.91 15.39 -3.74
CA THR A 8 2.80 15.76 -4.61
C THR A 8 1.56 14.93 -4.29
N GLY A 9 1.33 14.68 -3.00
CA GLY A 9 0.18 13.89 -2.59
C GLY A 9 0.53 12.84 -1.57
N GLU A 10 0.57 13.24 -0.30
CA GLU A 10 0.90 12.31 0.77
C GLU A 10 -0.36 11.65 1.32
N ASN A 11 -0.54 10.37 0.99
CA ASN A 11 -1.70 9.62 1.45
C ASN A 11 -1.45 9.02 2.83
N PRO A 12 -2.51 8.97 3.66
CA PRO A 12 -2.42 8.43 5.01
C PRO A 12 -2.22 6.91 5.01
N TYR A 13 -2.54 6.28 3.88
CA TYR A 13 -2.39 4.83 3.75
C TYR A 13 -1.81 4.46 2.40
N GLU A 14 -0.61 3.90 2.41
CA GLU A 14 0.07 3.50 1.18
C GLU A 14 0.56 2.05 1.27
N CYS A 15 0.12 1.22 0.33
CA CYS A 15 0.52 -0.18 0.31
C CYS A 15 1.88 -0.35 -0.36
N CYS A 16 2.94 -0.34 0.45
CA CYS A 16 4.29 -0.50 -0.07
C CYS A 16 4.46 -1.86 -0.74
N GLU A 17 3.75 -2.87 -0.22
CA GLU A 17 3.83 -4.21 -0.78
C GLU A 17 3.82 -4.17 -2.30
N CYS A 18 2.77 -3.57 -2.86
CA CYS A 18 2.63 -3.47 -4.31
C CYS A 18 2.80 -2.03 -4.77
N GLY A 19 2.17 -1.10 -4.04
CA GLY A 19 2.26 0.31 -4.40
C GLY A 19 0.91 0.92 -4.68
N LYS A 20 -0.04 0.71 -3.77
CA LYS A 20 -1.38 1.25 -3.91
C LYS A 20 -1.66 2.31 -2.85
N VAL A 21 -2.79 2.99 -2.98
CA VAL A 21 -3.17 4.03 -2.04
C VAL A 21 -4.65 3.93 -1.67
N PHE A 22 -4.99 4.43 -0.49
CA PHE A 22 -6.37 4.38 -0.01
C PHE A 22 -6.70 5.64 0.81
N SER A 23 -7.98 5.79 1.14
CA SER A 23 -8.43 6.95 1.91
C SER A 23 -8.55 6.61 3.38
N ARG A 24 -9.12 5.44 3.67
CA ARG A 24 -9.29 4.99 5.05
C ARG A 24 -8.62 3.64 5.27
N LYS A 25 -7.95 3.50 6.40
CA LYS A 25 -7.26 2.25 6.74
C LYS A 25 -8.10 1.04 6.35
N ASP A 26 -9.35 1.03 6.81
CA ASP A 26 -10.26 -0.07 6.51
C ASP A 26 -10.06 -0.57 5.08
N GLN A 27 -10.19 0.33 4.12
CA GLN A 27 -10.02 -0.02 2.72
C GLN A 27 -8.65 -0.62 2.46
N LEU A 28 -7.66 -0.17 3.22
CA LEU A 28 -6.30 -0.67 3.07
C LEU A 28 -6.19 -2.09 3.62
N VAL A 29 -6.65 -2.29 4.85
CA VAL A 29 -6.61 -3.60 5.49
C VAL A 29 -7.02 -4.70 4.51
N SER A 30 -8.22 -4.57 3.95
CA SER A 30 -8.73 -5.55 3.00
C SER A 30 -7.75 -5.77 1.85
N HIS A 31 -7.06 -4.68 1.46
CA HIS A 31 -6.09 -4.76 0.37
C HIS A 31 -4.85 -5.52 0.81
N GLN A 32 -4.33 -5.18 1.99
CA GLN A 32 -3.14 -5.84 2.51
C GLN A 32 -3.45 -7.26 2.96
N LYS A 33 -4.74 -7.56 3.10
CA LYS A 33 -5.16 -8.89 3.51
C LYS A 33 -5.01 -9.89 2.39
N THR A 34 -5.03 -9.39 1.15
CA THR A 34 -4.89 -10.26 -0.02
C THR A 34 -3.48 -10.18 -0.60
N HIS A 35 -2.52 -9.84 0.26
CA HIS A 35 -1.13 -9.72 -0.17
C HIS A 35 -0.26 -10.76 0.53
N SER A 36 -0.77 -11.98 0.66
CA SER A 36 -0.05 -13.06 1.32
C SER A 36 0.72 -12.53 2.53
N GLY A 37 0.07 -11.68 3.30
CA GLY A 37 0.71 -11.11 4.48
C GLY A 37 0.13 -11.65 5.78
N GLN A 38 0.75 -11.28 6.89
CA GLN A 38 0.29 -11.74 8.20
C GLN A 38 -0.90 -10.91 8.68
N SER A 39 -1.85 -11.56 9.34
CA SER A 39 -3.04 -10.88 9.85
C SER A 39 -2.76 -10.25 11.22
N GLY A 40 -2.33 -8.99 11.20
CA GLY A 40 -2.03 -8.30 12.44
C GLY A 40 -0.89 -7.32 12.30
N PRO A 41 -0.45 -6.75 13.42
CA PRO A 41 0.64 -5.77 13.45
C PRO A 41 2.00 -6.40 13.12
N SER A 42 3.02 -5.57 13.04
CA SER A 42 4.37 -6.05 12.73
C SER A 42 5.43 -5.10 13.30
N SER A 43 6.57 -5.67 13.68
CA SER A 43 7.66 -4.88 14.25
C SER A 43 8.59 -4.37 13.15
N GLY A 44 9.39 -3.37 13.48
CA GLY A 44 10.32 -2.81 12.51
C GLY A 44 9.60 -2.14 11.35
ZN ZN B . -1.14 -3.66 -2.39
N GLY A 1 -2.09 27.61 18.93
CA GLY A 1 -3.45 28.06 19.20
C GLY A 1 -4.49 27.18 18.53
N SER A 2 -4.41 27.08 17.20
CA SER A 2 -5.36 26.27 16.45
C SER A 2 -4.62 25.41 15.42
N SER A 3 -5.24 24.29 15.04
CA SER A 3 -4.66 23.37 14.08
C SER A 3 -5.47 23.37 12.78
N GLY A 4 -5.13 24.29 11.88
CA GLY A 4 -5.84 24.37 10.61
C GLY A 4 -4.99 25.02 9.53
N SER A 5 -4.53 24.21 8.58
CA SER A 5 -3.71 24.72 7.48
C SER A 5 -4.34 24.39 6.13
N SER A 6 -4.36 25.38 5.24
CA SER A 6 -4.94 25.21 3.91
C SER A 6 -4.01 24.39 3.01
N GLY A 7 -4.27 23.09 2.93
CA GLY A 7 -3.45 22.23 2.10
C GLY A 7 -3.60 20.76 2.46
N THR A 8 -4.65 20.14 1.93
CA THR A 8 -4.92 18.73 2.19
C THR A 8 -4.60 17.87 0.97
N GLY A 9 -3.68 16.93 1.13
CA GLY A 9 -3.30 16.05 0.04
C GLY A 9 -2.19 15.10 0.42
N GLU A 10 -2.47 14.19 1.35
CA GLU A 10 -1.49 13.22 1.80
C GLU A 10 -2.08 11.82 1.84
N ASN A 11 -1.28 10.83 1.43
CA ASN A 11 -1.73 9.45 1.42
C ASN A 11 -1.06 8.65 2.53
N PRO A 12 -1.58 8.77 3.75
CA PRO A 12 -1.05 8.07 4.92
C PRO A 12 -1.30 6.56 4.85
N TYR A 13 -1.98 6.13 3.80
CA TYR A 13 -2.30 4.71 3.63
C TYR A 13 -1.90 4.24 2.23
N GLU A 14 -0.60 4.03 2.03
CA GLU A 14 -0.09 3.58 0.74
C GLU A 14 0.58 2.21 0.88
N CYS A 15 -0.12 1.17 0.44
CA CYS A 15 0.41 -0.18 0.51
C CYS A 15 1.81 -0.26 -0.09
N CYS A 16 2.77 -0.62 0.74
CA CYS A 16 4.17 -0.72 0.30
C CYS A 16 4.41 -2.05 -0.40
N GLU A 17 3.65 -3.07 -0.01
CA GLU A 17 3.78 -4.40 -0.60
C GLU A 17 3.76 -4.32 -2.13
N CYS A 18 2.68 -3.75 -2.66
CA CYS A 18 2.53 -3.62 -4.11
C CYS A 18 2.75 -2.17 -4.55
N GLY A 19 2.14 -1.24 -3.81
CA GLY A 19 2.28 0.17 -4.14
C GLY A 19 0.96 0.84 -4.41
N LYS A 20 -0.09 0.38 -3.72
CA LYS A 20 -1.43 0.93 -3.88
C LYS A 20 -1.68 2.02 -2.83
N VAL A 21 -2.71 2.84 -3.07
CA VAL A 21 -3.07 3.90 -2.15
C VAL A 21 -4.54 3.84 -1.78
N PHE A 22 -4.89 4.41 -0.63
CA PHE A 22 -6.26 4.42 -0.16
C PHE A 22 -6.58 5.69 0.61
N SER A 23 -7.86 5.98 0.80
CA SER A 23 -8.29 7.17 1.52
C SER A 23 -8.44 6.88 3.01
N ARG A 24 -8.87 5.66 3.32
CA ARG A 24 -9.06 5.26 4.71
C ARG A 24 -8.33 3.95 5.00
N LYS A 25 -7.53 3.95 6.06
CA LYS A 25 -6.78 2.77 6.44
C LYS A 25 -7.61 1.51 6.23
N ASP A 26 -8.87 1.54 6.64
CA ASP A 26 -9.77 0.40 6.48
C ASP A 26 -9.62 -0.21 5.09
N GLN A 27 -9.80 0.60 4.06
CA GLN A 27 -9.68 0.13 2.69
C GLN A 27 -8.34 -0.55 2.45
N LEU A 28 -7.31 -0.06 3.14
CA LEU A 28 -5.97 -0.62 3.01
C LEU A 28 -5.90 -2.01 3.63
N VAL A 29 -6.43 -2.14 4.85
CA VAL A 29 -6.43 -3.41 5.56
C VAL A 29 -7.07 -4.51 4.71
N SER A 30 -8.27 -4.24 4.20
CA SER A 30 -8.99 -5.21 3.38
C SER A 30 -8.15 -5.63 2.18
N HIS A 31 -7.37 -4.69 1.65
CA HIS A 31 -6.52 -4.96 0.50
C HIS A 31 -5.32 -5.82 0.90
N GLN A 32 -4.50 -5.29 1.79
CA GLN A 32 -3.32 -5.99 2.26
C GLN A 32 -3.59 -7.50 2.36
N LYS A 33 -4.74 -7.85 2.92
CA LYS A 33 -5.12 -9.25 3.07
C LYS A 33 -4.70 -10.06 1.85
N THR A 34 -5.03 -9.56 0.67
CA THR A 34 -4.69 -10.25 -0.57
C THR A 34 -3.28 -10.80 -0.52
N HIS A 35 -2.34 -9.96 -0.08
CA HIS A 35 -0.94 -10.37 0.02
C HIS A 35 -0.74 -11.39 1.14
N SER A 36 0.45 -11.95 1.22
CA SER A 36 0.77 -12.94 2.23
C SER A 36 0.46 -12.41 3.62
N GLY A 37 0.43 -13.31 4.61
CA GLY A 37 0.15 -12.91 5.98
C GLY A 37 -1.32 -13.07 6.33
N GLN A 38 -1.78 -14.31 6.39
CA GLN A 38 -3.17 -14.59 6.72
C GLN A 38 -3.42 -14.42 8.22
N SER A 39 -2.57 -15.05 9.03
CA SER A 39 -2.72 -14.97 10.48
C SER A 39 -3.00 -13.54 10.92
N GLY A 40 -3.70 -13.41 12.05
CA GLY A 40 -4.02 -12.09 12.56
C GLY A 40 -4.97 -12.15 13.74
N PRO A 41 -5.35 -10.97 14.27
CA PRO A 41 -6.25 -10.87 15.41
C PRO A 41 -7.68 -11.27 15.06
N SER A 42 -7.98 -11.29 13.76
CA SER A 42 -9.31 -11.65 13.29
C SER A 42 -9.57 -13.14 13.49
N SER A 43 -10.82 -13.55 13.29
CA SER A 43 -11.20 -14.95 13.44
C SER A 43 -10.72 -15.78 12.26
N GLY A 44 -11.01 -17.08 12.31
CA GLY A 44 -10.59 -17.97 11.24
C GLY A 44 -11.37 -19.26 11.22
ZN ZN B . -0.88 -4.08 -1.75
N GLY A 1 19.90 11.50 -14.07
CA GLY A 1 18.99 10.42 -14.38
C GLY A 1 17.55 10.87 -14.49
N SER A 2 16.67 9.95 -14.88
CA SER A 2 15.25 10.27 -15.03
C SER A 2 14.44 9.64 -13.90
N SER A 3 13.26 10.21 -13.66
CA SER A 3 12.38 9.72 -12.60
C SER A 3 11.70 8.42 -13.02
N GLY A 4 10.94 7.83 -12.11
CA GLY A 4 10.25 6.59 -12.40
C GLY A 4 8.76 6.79 -12.56
N SER A 5 7.97 6.11 -11.72
CA SER A 5 6.52 6.21 -11.79
C SER A 5 6.01 7.29 -10.84
N SER A 6 5.32 8.27 -11.41
CA SER A 6 4.77 9.38 -10.62
C SER A 6 3.34 9.08 -10.19
N GLY A 7 3.08 9.17 -8.89
CA GLY A 7 1.75 8.91 -8.38
C GLY A 7 0.99 10.18 -8.06
N THR A 8 -0.27 10.04 -7.67
CA THR A 8 -1.11 11.18 -7.35
C THR A 8 -1.97 10.92 -6.12
N GLY A 9 -1.72 11.67 -5.06
CA GLY A 9 -2.47 11.50 -3.83
C GLY A 9 -1.62 10.96 -2.69
N GLU A 10 -1.32 11.82 -1.73
CA GLU A 10 -0.50 11.42 -0.58
C GLU A 10 -1.37 11.21 0.65
N ASN A 11 -1.77 9.95 0.88
CA ASN A 11 -2.60 9.61 2.02
C ASN A 11 -1.77 8.96 3.12
N PRO A 12 -2.27 9.04 4.37
CA PRO A 12 -1.60 8.46 5.53
C PRO A 12 -1.60 6.93 5.50
N TYR A 13 -2.16 6.36 4.44
CA TYR A 13 -2.22 4.91 4.29
C TYR A 13 -1.86 4.48 2.88
N GLU A 14 -0.66 3.93 2.71
CA GLU A 14 -0.21 3.48 1.40
C GLU A 14 0.43 2.10 1.49
N CYS A 15 0.14 1.25 0.50
CA CYS A 15 0.67 -0.10 0.47
C CYS A 15 2.03 -0.13 -0.22
N CYS A 16 3.05 -0.59 0.50
CA CYS A 16 4.40 -0.67 -0.04
C CYS A 16 4.64 -2.02 -0.71
N GLU A 17 3.86 -3.01 -0.31
CA GLU A 17 3.98 -4.36 -0.86
C GLU A 17 3.95 -4.32 -2.39
N CYS A 18 3.07 -3.48 -2.93
CA CYS A 18 2.94 -3.34 -4.37
C CYS A 18 2.88 -1.87 -4.78
N GLY A 19 2.07 -1.10 -4.07
CA GLY A 19 1.93 0.31 -4.37
C GLY A 19 0.49 0.73 -4.57
N LYS A 20 -0.29 0.67 -3.50
CA LYS A 20 -1.70 1.04 -3.56
C LYS A 20 -2.08 1.94 -2.39
N VAL A 21 -2.43 3.19 -2.71
CA VAL A 21 -2.81 4.16 -1.68
C VAL A 21 -4.29 4.02 -1.32
N PHE A 22 -4.64 4.44 -0.11
CA PHE A 22 -6.01 4.36 0.36
C PHE A 22 -6.36 5.57 1.22
N SER A 23 -7.57 6.09 1.05
CA SER A 23 -8.02 7.25 1.82
C SER A 23 -8.19 6.89 3.29
N ARG A 24 -8.79 5.73 3.55
CA ARG A 24 -9.01 5.27 4.91
C ARG A 24 -8.38 3.91 5.14
N LYS A 25 -7.64 3.78 6.23
CA LYS A 25 -6.97 2.52 6.57
C LYS A 25 -7.87 1.33 6.25
N ASP A 26 -9.13 1.41 6.67
CA ASP A 26 -10.08 0.34 6.42
C ASP A 26 -9.93 -0.21 5.01
N GLN A 27 -9.96 0.67 4.02
CA GLN A 27 -9.81 0.27 2.63
C GLN A 27 -8.48 -0.44 2.40
N LEU A 28 -7.47 -0.04 3.15
CA LEU A 28 -6.14 -0.63 3.03
C LEU A 28 -6.12 -2.04 3.60
N VAL A 29 -6.70 -2.21 4.78
CA VAL A 29 -6.75 -3.51 5.44
C VAL A 29 -7.30 -4.58 4.49
N SER A 30 -8.47 -4.31 3.93
CA SER A 30 -9.10 -5.25 3.01
C SER A 30 -8.18 -5.57 1.84
N HIS A 31 -7.34 -4.60 1.47
CA HIS A 31 -6.40 -4.77 0.37
C HIS A 31 -5.25 -5.68 0.78
N GLN A 32 -4.59 -5.35 1.88
CA GLN A 32 -3.47 -6.13 2.37
C GLN A 32 -3.84 -7.60 2.50
N LYS A 33 -5.14 -7.88 2.49
CA LYS A 33 -5.63 -9.24 2.60
C LYS A 33 -4.97 -10.15 1.57
N THR A 34 -4.82 -9.64 0.35
CA THR A 34 -4.19 -10.39 -0.73
C THR A 34 -2.68 -10.17 -0.75
N HIS A 35 -2.09 -9.95 0.41
CA HIS A 35 -0.65 -9.71 0.52
C HIS A 35 -0.03 -10.62 1.58
N SER A 36 0.24 -11.86 1.20
CA SER A 36 0.84 -12.82 2.11
C SER A 36 2.24 -13.20 1.67
N GLY A 37 3.23 -12.42 2.10
CA GLY A 37 4.61 -12.70 1.74
C GLY A 37 5.33 -13.51 2.79
N GLN A 38 6.67 -13.51 2.73
CA GLN A 38 7.47 -14.26 3.67
C GLN A 38 8.59 -13.38 4.25
N SER A 39 9.06 -13.75 5.44
CA SER A 39 10.12 -13.00 6.10
C SER A 39 11.50 -13.41 5.58
N GLY A 40 12.43 -12.47 5.57
CA GLY A 40 13.77 -12.76 5.10
C GLY A 40 14.64 -13.39 6.17
N PRO A 41 15.96 -13.29 6.00
CA PRO A 41 16.93 -13.86 6.95
C PRO A 41 16.94 -13.11 8.28
N SER A 42 16.09 -13.54 9.21
CA SER A 42 16.01 -12.92 10.52
C SER A 42 17.18 -13.32 11.40
N SER A 43 18.15 -12.42 11.54
CA SER A 43 19.33 -12.68 12.35
C SER A 43 20.14 -11.39 12.56
N GLY A 44 20.66 -11.22 13.77
CA GLY A 44 21.44 -10.04 14.08
C GLY A 44 22.18 -10.17 15.40
ZN ZN B . -0.67 -3.86 -2.28
#